data_4PGC
#
_entry.id   4PGC
#
_cell.length_a   66.179
_cell.length_b   90.303
_cell.length_c   89.370
_cell.angle_alpha   90.000
_cell.angle_beta   111.580
_cell.angle_gamma   90.000
#
_symmetry.space_group_name_H-M   'P 1 21 1'
#
loop_
_entity.id
_entity.type
_entity.pdbx_description
1 polymer 'H-2 class I histocompatibility antigen, K-B alpha chain'
2 polymer Beta-2-microglobulin
3 polymer 'Sendai virus nucleoprotein'
4 polymer 'Unknown helical fragment'
5 non-polymer GLYCEROL
6 water water
#
loop_
_entity_poly.entity_id
_entity_poly.type
_entity_poly.pdbx_seq_one_letter_code
_entity_poly.pdbx_strand_id
1 'polypeptide(L)'
;MGSSHHHHHHSSGLVPRGSHMLEDPMGPHSLRYFVTAVSRPGLGEPRYMEVGYVDDTEFVRFDSDAENPRYEPRARWMEQ
EGPEYWERETQKAKGNEQSFRVDLRTLLGYYNQSKGGSHTIQVISGCEVGSDGRLLRGYQQYAYDGCDYIALNEDLKTWT
AADMAALITKHKWEQAGEAERLRAYLEGTCVEWLRRYLKNGNATLLRTDSPKAHVTHHSRPEDKVTLRCWALGFYPADIT
LTWQLNGEELIQDMELVETRPAGDGTFQKWASVVVPLGKEQYYTCHVYHQGLPEPLTLRWEPPP
;
A,D
2 'polypeptide(L)'
;MIQKTPQIQVYSRHPPENGKPNILNCYVTQFHPPHIEIQMLKNGKKIPKVEMSDMSFSKDWSFYILAHTEFTPTETDTYA
CRVKHDSMAEPKTVYWDRDM
;
B,E
3 'polypeptide(L)' FAPGN(TYI)PAL C,F
4 'polypeptide(L)' (UNK)K(UNK)(UNK)S(UNK)(UNK)(UNK)L(UNK)(UNK)(UNK)T H
#
# COMPACT_ATOMS: atom_id res chain seq x y z
N GLY A 27 -1.76 2.37 5.49
CA GLY A 27 -1.48 0.98 5.95
C GLY A 27 -2.68 0.07 5.82
N PRO A 28 -2.79 -0.66 4.69
CA PRO A 28 -3.83 -1.68 4.57
C PRO A 28 -3.55 -2.90 5.46
N HIS A 29 -4.59 -3.66 5.77
CA HIS A 29 -4.46 -4.79 6.68
C HIS A 29 -5.30 -5.96 6.19
N SER A 30 -4.98 -7.15 6.68
CA SER A 30 -5.70 -8.35 6.30
C SER A 30 -5.87 -9.31 7.47
N LEU A 31 -6.94 -10.09 7.44
CA LEU A 31 -7.13 -11.21 8.34
C LEU A 31 -7.45 -12.36 7.43
N ARG A 32 -6.61 -13.39 7.46
CA ARG A 32 -6.81 -14.56 6.60
C ARG A 32 -6.56 -15.88 7.34
N TYR A 33 -7.30 -16.90 6.95
CA TYR A 33 -7.16 -18.23 7.49
C TYR A 33 -6.74 -19.20 6.40
N PHE A 34 -5.66 -19.93 6.67
CA PHE A 34 -5.11 -20.93 5.75
C PHE A 34 -5.41 -22.29 6.36
N VAL A 35 -6.20 -23.09 5.67
CA VAL A 35 -6.71 -24.35 6.20
C VAL A 35 -6.21 -25.53 5.37
N THR A 36 -5.84 -26.62 6.03
CA THR A 36 -5.38 -27.84 5.34
C THR A 36 -6.03 -29.10 5.90
N ALA A 37 -6.58 -29.92 5.01
CA ALA A 37 -7.09 -31.26 5.35
C ALA A 37 -6.42 -32.32 4.48
N VAL A 38 -5.73 -33.27 5.12
CA VAL A 38 -4.98 -34.32 4.41
C VAL A 38 -5.50 -35.70 4.83
N SER A 39 -6.08 -36.44 3.89
CA SER A 39 -6.51 -37.82 4.16
C SER A 39 -5.30 -38.75 4.33
N ARG A 40 -5.40 -39.70 5.24
CA ARG A 40 -4.30 -40.61 5.52
C ARG A 40 -4.79 -42.06 5.55
N PRO A 41 -5.26 -42.57 4.39
CA PRO A 41 -5.92 -43.88 4.40
C PRO A 41 -5.05 -44.99 5.00
N GLY A 42 -5.63 -45.80 5.86
CA GLY A 42 -4.90 -46.86 6.54
C GLY A 42 -4.14 -46.42 7.79
N LEU A 43 -3.93 -45.12 7.97
CA LEU A 43 -3.14 -44.61 9.09
C LEU A 43 -3.95 -43.81 10.12
N GLY A 44 -5.24 -43.64 9.88
CA GLY A 44 -6.09 -42.87 10.80
C GLY A 44 -6.96 -41.83 10.12
N GLU A 45 -7.47 -40.90 10.91
CA GLU A 45 -8.34 -39.84 10.39
C GLU A 45 -7.51 -38.79 9.67
N PRO A 46 -8.14 -38.00 8.79
CA PRO A 46 -7.39 -36.93 8.14
C PRO A 46 -6.70 -35.99 9.14
N ARG A 47 -5.54 -35.46 8.76
CA ARG A 47 -4.86 -34.45 9.54
C ARG A 47 -5.50 -33.12 9.16
N TYR A 48 -5.85 -32.30 10.14
CA TYR A 48 -6.54 -31.04 9.89
C TYR A 48 -5.84 -29.90 10.60
N MET A 49 -5.66 -28.80 9.88
CA MET A 49 -4.86 -27.68 10.35
C MET A 49 -5.52 -26.36 9.94
N GLU A 50 -5.61 -25.42 10.88
CA GLU A 50 -6.07 -24.06 10.57
C GLU A 50 -5.03 -23.09 11.12
N VAL A 51 -4.60 -22.16 10.28
CA VAL A 51 -3.66 -21.15 10.72
C VAL A 51 -4.24 -19.81 10.35
N GLY A 52 -4.27 -18.91 11.33
CA GLY A 52 -4.80 -17.57 11.14
C GLY A 52 -3.67 -16.57 11.07
N TYR A 53 -3.84 -15.56 10.22
CA TYR A 53 -2.83 -14.54 10.01
C TYR A 53 -3.47 -13.16 10.04
N VAL A 54 -2.89 -12.26 10.84
CA VAL A 54 -3.21 -10.84 10.77
C VAL A 54 -2.01 -10.21 10.09
N ASP A 55 -2.24 -9.53 8.97
CA ASP A 55 -1.16 -8.91 8.17
C ASP A 55 0.02 -9.87 7.97
N ASP A 56 -0.28 -11.09 7.53
CA ASP A 56 0.72 -12.12 7.23
C ASP A 56 1.53 -12.58 8.44
N THR A 57 1.06 -12.24 9.64
CA THR A 57 1.69 -12.68 10.88
C THR A 57 0.80 -13.76 11.52
N GLU A 58 1.33 -14.97 11.67
CA GLU A 58 0.58 -16.06 12.30
C GLU A 58 0.17 -15.62 13.71
N PHE A 59 -1.11 -15.80 14.05
CA PHE A 59 -1.60 -15.39 15.39
C PHE A 59 -2.47 -16.42 16.15
N VAL A 60 -3.07 -17.35 15.43
CA VAL A 60 -3.73 -18.51 16.06
C VAL A 60 -3.46 -19.77 15.24
N ARG A 61 -3.62 -20.93 15.87
CA ARG A 61 -3.47 -22.21 15.18
C ARG A 61 -4.29 -23.31 15.87
N PHE A 62 -4.98 -24.10 15.05
CA PHE A 62 -5.65 -25.32 15.48
C PHE A 62 -5.02 -26.50 14.74
N ASP A 63 -4.61 -27.53 15.48
CA ASP A 63 -4.03 -28.74 14.90
C ASP A 63 -4.77 -29.95 15.45
N SER A 64 -5.36 -30.75 14.55
CA SER A 64 -6.15 -31.92 14.98
C SER A 64 -5.32 -33.03 15.58
N ASP A 65 -4.00 -32.97 15.39
CA ASP A 65 -3.12 -34.03 15.88
C ASP A 65 -2.88 -33.96 17.41
N ALA A 66 -3.93 -34.21 18.18
CA ALA A 66 -3.86 -34.21 19.63
C ALA A 66 -5.12 -34.84 20.17
N GLU A 67 -5.07 -35.24 21.44
CA GLU A 67 -6.18 -35.96 22.07
C GLU A 67 -7.31 -34.98 22.39
N ASN A 68 -6.94 -33.78 22.83
CA ASN A 68 -7.90 -32.70 23.04
C ASN A 68 -7.45 -31.44 22.30
N PRO A 69 -7.55 -31.46 20.95
CA PRO A 69 -7.07 -30.33 20.17
C PRO A 69 -7.89 -29.08 20.43
N ARG A 70 -7.21 -27.95 20.55
CA ARG A 70 -7.83 -26.68 20.89
C ARG A 70 -7.21 -25.61 20.02
N TYR A 71 -7.97 -24.58 19.67
CA TYR A 71 -7.35 -23.37 19.09
C TYR A 71 -6.36 -22.78 20.10
N GLU A 72 -5.21 -22.34 19.62
CA GLU A 72 -4.14 -21.81 20.48
C GLU A 72 -3.71 -20.41 20.01
N PRO A 73 -3.31 -19.54 20.96
CA PRO A 73 -2.70 -18.28 20.57
C PRO A 73 -1.27 -18.53 20.10
N ARG A 74 -0.85 -17.79 19.06
CA ARG A 74 0.51 -17.90 18.55
C ARG A 74 1.23 -16.55 18.61
N ALA A 75 0.60 -15.58 19.27
CA ALA A 75 1.17 -14.26 19.52
C ALA A 75 0.69 -13.83 20.89
N ARG A 76 1.59 -13.32 21.71
CA ARG A 76 1.30 -13.07 23.14
C ARG A 76 0.14 -12.10 23.33
N TRP A 77 -0.05 -11.18 22.39
CA TRP A 77 -1.18 -10.23 22.46
C TRP A 77 -2.56 -10.87 22.31
N MET A 78 -2.61 -12.14 21.91
CA MET A 78 -3.89 -12.86 21.83
C MET A 78 -4.30 -13.44 23.17
N GLU A 79 -3.39 -13.50 24.13
CA GLU A 79 -3.71 -14.04 25.47
C GLU A 79 -4.72 -13.17 26.23
N GLN A 80 -4.97 -11.96 25.74
CA GLN A 80 -6.04 -11.10 26.27
C GLN A 80 -7.43 -11.70 26.12
N GLU A 81 -7.61 -12.56 25.11
CA GLU A 81 -8.93 -13.13 24.82
C GLU A 81 -9.31 -14.15 25.88
N GLY A 82 -10.58 -14.11 26.29
CA GLY A 82 -11.08 -14.99 27.35
C GLY A 82 -11.49 -16.38 26.88
N PRO A 83 -11.79 -17.28 27.84
CA PRO A 83 -12.10 -18.68 27.53
C PRO A 83 -13.26 -18.87 26.56
N GLU A 84 -14.26 -17.99 26.62
CA GLU A 84 -15.38 -18.06 25.70
C GLU A 84 -14.88 -17.98 24.25
N TYR A 85 -13.98 -17.05 23.97
CA TYR A 85 -13.44 -16.88 22.63
C TYR A 85 -12.81 -18.19 22.15
N TRP A 86 -11.90 -18.72 22.97
CA TRP A 86 -11.16 -19.93 22.65
C TRP A 86 -12.07 -21.15 22.48
N GLU A 87 -13.08 -21.24 23.33
CA GLU A 87 -14.05 -22.33 23.26
C GLU A 87 -14.79 -22.30 21.94
N ARG A 88 -15.25 -21.12 21.55
CA ARG A 88 -16.02 -20.94 20.34
C ARG A 88 -15.15 -21.24 19.12
N GLU A 89 -13.92 -20.73 19.10
CA GLU A 89 -13.01 -21.00 17.99
C GLU A 89 -12.73 -22.49 17.85
N THR A 90 -12.42 -23.14 18.98
CA THR A 90 -12.24 -24.61 18.98
C THR A 90 -13.45 -25.35 18.38
N GLN A 91 -14.64 -25.01 18.84
CA GLN A 91 -15.85 -25.66 18.34
C GLN A 91 -15.98 -25.52 16.82
N LYS A 92 -15.79 -24.31 16.30
CA LYS A 92 -15.88 -24.07 14.86
C LYS A 92 -14.86 -24.89 14.07
N ALA A 93 -13.62 -24.93 14.58
CA ALA A 93 -12.53 -25.69 13.95
C ALA A 93 -12.89 -27.15 13.84
N LYS A 94 -13.41 -27.70 14.94
CA LYS A 94 -13.88 -29.09 14.98
C LYS A 94 -15.01 -29.29 14.00
N GLY A 95 -15.90 -28.30 13.88
CA GLY A 95 -16.95 -28.33 12.87
C GLY A 95 -16.42 -28.30 11.45
N ASN A 96 -15.45 -27.43 11.19
CA ASN A 96 -14.80 -27.40 9.87
C ASN A 96 -14.09 -28.73 9.52
N GLU A 97 -13.42 -29.31 10.51
CA GLU A 97 -12.70 -30.58 10.34
C GLU A 97 -13.61 -31.69 9.82
N GLN A 98 -14.79 -31.81 10.43
CA GLN A 98 -15.78 -32.78 9.98
C GLN A 98 -16.25 -32.49 8.56
N SER A 99 -16.51 -31.23 8.25
CA SER A 99 -16.98 -30.87 6.92
C SER A 99 -15.94 -31.18 5.86
N PHE A 100 -14.67 -30.91 6.18
CA PHE A 100 -13.60 -31.25 5.24
C PHE A 100 -13.43 -32.76 5.08
N ARG A 101 -13.65 -33.51 6.15
CA ARG A 101 -13.67 -34.98 6.04
C ARG A 101 -14.70 -35.46 5.03
N VAL A 102 -15.88 -34.83 5.03
CA VAL A 102 -16.90 -35.15 4.02
C VAL A 102 -16.44 -34.69 2.64
N ASP A 103 -15.92 -33.47 2.54
CA ASP A 103 -15.44 -32.94 1.26
C ASP A 103 -14.39 -33.83 0.59
N LEU A 104 -13.44 -34.33 1.37
CA LEU A 104 -12.44 -35.28 0.84
C LEU A 104 -13.10 -36.49 0.18
N ARG A 105 -14.11 -37.05 0.84
CA ARG A 105 -14.84 -38.18 0.26
C ARG A 105 -15.60 -37.78 -1.01
N THR A 106 -16.28 -36.64 -0.98
CA THR A 106 -17.01 -36.18 -2.14
C THR A 106 -16.08 -36.06 -3.36
N LEU A 107 -14.91 -35.49 -3.14
CA LEU A 107 -13.99 -35.28 -4.24
C LEU A 107 -13.42 -36.59 -4.81
N LEU A 108 -13.25 -37.63 -4.00
CA LEU A 108 -12.88 -38.94 -4.55
C LEU A 108 -13.88 -39.36 -5.61
N GLY A 109 -15.17 -39.18 -5.30
CA GLY A 109 -16.23 -39.43 -6.25
C GLY A 109 -16.15 -38.58 -7.50
N TYR A 110 -15.99 -37.27 -7.36
CA TYR A 110 -15.94 -36.37 -8.52
C TYR A 110 -14.82 -36.73 -9.49
N TYR A 111 -13.68 -37.14 -8.96
CA TYR A 111 -12.52 -37.51 -9.78
C TYR A 111 -12.39 -39.00 -9.97
N ASN A 112 -13.33 -39.76 -9.43
CA ASN A 112 -13.33 -41.21 -9.53
C ASN A 112 -11.99 -41.80 -9.10
N GLN A 113 -11.52 -41.40 -7.92
CA GLN A 113 -10.24 -41.84 -7.37
C GLN A 113 -10.43 -42.90 -6.30
N SER A 114 -9.37 -43.69 -6.09
CA SER A 114 -9.38 -44.76 -5.11
C SER A 114 -9.42 -44.25 -3.66
N LYS A 115 -9.97 -45.05 -2.76
CA LYS A 115 -10.00 -44.72 -1.35
C LYS A 115 -8.67 -44.95 -0.64
N GLY A 116 -7.71 -45.56 -1.34
CA GLY A 116 -6.40 -45.88 -0.76
C GLY A 116 -5.36 -44.78 -0.85
N GLY A 117 -5.67 -43.67 -1.53
CA GLY A 117 -4.71 -42.60 -1.77
C GLY A 117 -4.86 -41.43 -0.82
N SER A 118 -3.74 -40.75 -0.55
CA SER A 118 -3.74 -39.54 0.24
C SER A 118 -4.10 -38.36 -0.65
N HIS A 119 -4.95 -37.47 -0.17
CA HIS A 119 -5.33 -36.29 -0.93
C HIS A 119 -5.46 -35.09 -0.01
N THR A 120 -5.31 -33.91 -0.60
CA THR A 120 -5.23 -32.66 0.14
C THR A 120 -6.33 -31.70 -0.33
N ILE A 121 -7.01 -31.08 0.61
CA ILE A 121 -7.82 -29.90 0.33
C ILE A 121 -7.22 -28.75 1.10
N GLN A 122 -7.03 -27.61 0.43
CA GLN A 122 -6.57 -26.37 1.07
C GLN A 122 -7.55 -25.21 0.82
N VAL A 123 -7.66 -24.33 1.80
CA VAL A 123 -8.50 -23.14 1.67
C VAL A 123 -7.77 -21.89 2.15
N ILE A 124 -7.93 -20.80 1.40
CA ILE A 124 -7.55 -19.45 1.87
C ILE A 124 -8.81 -18.58 1.91
N SER A 125 -9.09 -18.03 3.09
CA SER A 125 -10.36 -17.36 3.39
C SER A 125 -10.04 -16.13 4.22
N GLY A 126 -10.67 -15.00 3.90
CA GLY A 126 -10.47 -13.79 4.71
C GLY A 126 -10.66 -12.48 3.99
N CYS A 127 -10.21 -11.40 4.64
CA CYS A 127 -10.52 -10.05 4.20
C CYS A 127 -9.32 -9.15 4.34
N GLU A 128 -9.15 -8.23 3.39
CA GLU A 128 -8.24 -7.11 3.60
C GLU A 128 -9.02 -5.79 3.52
N VAL A 129 -8.72 -4.89 4.46
CA VAL A 129 -9.35 -3.59 4.50
C VAL A 129 -8.30 -2.49 4.35
N GLY A 130 -8.74 -1.33 3.85
CA GLY A 130 -7.88 -0.17 3.74
C GLY A 130 -7.55 0.44 5.11
N SER A 131 -6.75 1.50 5.10
CA SER A 131 -6.45 2.26 6.33
C SER A 131 -7.68 2.94 6.91
N ASP A 132 -8.68 3.16 6.07
CA ASP A 132 -9.97 3.68 6.54
C ASP A 132 -10.86 2.61 7.19
N GLY A 133 -10.45 1.35 7.12
CA GLY A 133 -11.19 0.26 7.76
C GLY A 133 -12.18 -0.46 6.86
N ARG A 134 -12.35 0.00 5.61
CA ARG A 134 -13.29 -0.60 4.66
C ARG A 134 -12.69 -1.71 3.78
N LEU A 135 -13.52 -2.68 3.39
CA LEU A 135 -13.09 -3.83 2.60
C LEU A 135 -12.52 -3.45 1.24
N LEU A 136 -11.29 -3.91 0.96
CA LEU A 136 -10.68 -3.83 -0.36
C LEU A 136 -10.79 -5.14 -1.15
N ARG A 137 -10.58 -6.27 -0.49
CA ARG A 137 -10.74 -7.59 -1.12
C ARG A 137 -11.26 -8.65 -0.16
N GLY A 138 -12.13 -9.51 -0.66
CA GLY A 138 -12.53 -10.74 0.04
C GLY A 138 -11.90 -11.95 -0.63
N TYR A 139 -11.35 -12.87 0.18
CA TYR A 139 -10.75 -14.10 -0.34
C TYR A 139 -11.53 -15.33 0.11
N GLN A 140 -11.85 -16.20 -0.84
CA GLN A 140 -12.29 -17.56 -0.56
C GLN A 140 -11.82 -18.44 -1.71
N GLN A 141 -10.67 -19.09 -1.52
CA GLN A 141 -10.04 -19.90 -2.56
C GLN A 141 -9.83 -21.33 -2.05
N TYR A 142 -10.18 -22.30 -2.88
CA TYR A 142 -9.97 -23.72 -2.58
C TYR A 142 -8.97 -24.35 -3.55
N ALA A 143 -8.19 -25.31 -3.04
CA ALA A 143 -7.35 -26.14 -3.90
C ALA A 143 -7.47 -27.61 -3.55
N TYR A 144 -7.32 -28.45 -4.57
CA TYR A 144 -7.29 -29.90 -4.39
C TYR A 144 -5.96 -30.42 -4.93
N ASP A 145 -5.25 -31.19 -4.10
CA ASP A 145 -3.95 -31.73 -4.46
C ASP A 145 -3.01 -30.68 -5.05
N GLY A 146 -2.94 -29.51 -4.41
CA GLY A 146 -2.05 -28.43 -4.82
C GLY A 146 -2.44 -27.61 -6.04
N CYS A 147 -3.64 -27.82 -6.58
CA CYS A 147 -4.11 -27.08 -7.74
C CYS A 147 -5.41 -26.35 -7.44
N ASP A 148 -5.59 -25.19 -8.07
CA ASP A 148 -6.83 -24.43 -7.96
C ASP A 148 -8.03 -25.33 -8.19
N TYR A 149 -9.02 -25.23 -7.32
CA TYR A 149 -10.29 -25.94 -7.49
C TYR A 149 -11.37 -24.89 -7.83
N ILE A 150 -11.65 -24.00 -6.87
CA ILE A 150 -12.67 -22.98 -7.06
C ILE A 150 -12.35 -21.74 -6.21
N ALA A 151 -12.72 -20.56 -6.71
CA ALA A 151 -12.44 -19.31 -6.00
C ALA A 151 -13.55 -18.28 -6.21
N LEU A 152 -13.87 -17.56 -5.14
CA LEU A 152 -14.81 -16.45 -5.22
C LEU A 152 -14.14 -15.31 -5.96
N ASN A 153 -14.78 -14.79 -6.99
CA ASN A 153 -14.20 -13.69 -7.77
C ASN A 153 -14.17 -12.38 -6.98
N GLU A 154 -13.45 -11.39 -7.48
CA GLU A 154 -13.31 -10.09 -6.80
C GLU A 154 -14.62 -9.35 -6.65
N ASP A 155 -15.59 -9.65 -7.51
CA ASP A 155 -16.93 -9.06 -7.39
C ASP A 155 -17.70 -9.56 -6.16
N LEU A 156 -17.23 -10.67 -5.58
CA LEU A 156 -17.88 -11.32 -4.42
C LEU A 156 -19.27 -11.83 -4.73
N LYS A 157 -19.51 -12.14 -6.01
CA LYS A 157 -20.82 -12.61 -6.47
C LYS A 157 -20.74 -13.86 -7.32
N THR A 158 -19.62 -14.07 -8.01
CA THR A 158 -19.45 -15.20 -8.91
C THR A 158 -18.20 -16.04 -8.59
N TRP A 159 -18.23 -17.29 -9.04
CA TRP A 159 -17.15 -18.24 -8.79
C TRP A 159 -16.43 -18.56 -10.08
N THR A 160 -15.12 -18.77 -9.96
CA THR A 160 -14.31 -19.33 -11.03
C THR A 160 -13.99 -20.79 -10.68
N ALA A 161 -14.41 -21.74 -11.52
CA ALA A 161 -14.10 -23.15 -11.36
C ALA A 161 -12.96 -23.54 -12.30
N ALA A 162 -11.97 -24.26 -11.77
CA ALA A 162 -10.74 -24.56 -12.51
C ALA A 162 -10.81 -25.85 -13.33
N ASP A 163 -11.77 -26.72 -13.04
CA ASP A 163 -11.93 -27.95 -13.83
C ASP A 163 -13.38 -28.45 -13.78
N MET A 164 -13.64 -29.58 -14.44
CA MET A 164 -15.00 -30.13 -14.55
C MET A 164 -15.59 -30.52 -13.20
N ALA A 165 -14.77 -31.01 -12.29
CA ALA A 165 -15.23 -31.39 -10.96
C ALA A 165 -15.74 -30.17 -10.21
N ALA A 166 -14.97 -29.08 -10.28
CA ALA A 166 -15.33 -27.84 -9.60
C ALA A 166 -16.58 -27.17 -10.16
N LEU A 167 -16.92 -27.47 -11.42
CA LEU A 167 -18.18 -27.01 -12.00
C LEU A 167 -19.39 -27.58 -11.26
N ILE A 168 -19.27 -28.77 -10.69
CA ILE A 168 -20.38 -29.37 -9.93
C ILE A 168 -20.61 -28.54 -8.67
N THR A 169 -19.53 -28.31 -7.93
CA THR A 169 -19.57 -27.44 -6.75
C THR A 169 -20.16 -26.05 -7.10
N LYS A 170 -19.68 -25.49 -8.21
CA LYS A 170 -20.09 -24.16 -8.67
C LYS A 170 -21.59 -24.05 -8.90
N HIS A 171 -22.15 -24.98 -9.68
CA HIS A 171 -23.58 -24.97 -9.97
CA HIS A 171 -23.58 -25.00 -9.97
C HIS A 171 -24.40 -25.18 -8.69
N LYS A 172 -23.89 -26.02 -7.79
CA LYS A 172 -24.53 -26.25 -6.50
C LYS A 172 -24.58 -24.95 -5.68
N TRP A 173 -23.44 -24.29 -5.55
CA TRP A 173 -23.34 -23.05 -4.77
C TRP A 173 -24.11 -21.88 -5.37
N GLU A 174 -24.14 -21.78 -6.70
CA GLU A 174 -24.97 -20.78 -7.38
C GLU A 174 -26.43 -20.94 -7.03
N GLN A 175 -26.97 -22.14 -7.22
CA GLN A 175 -28.39 -22.42 -6.95
C GLN A 175 -28.79 -22.07 -5.52
N ALA A 176 -27.90 -22.35 -4.56
CA ALA A 176 -28.17 -22.12 -3.14
C ALA A 176 -27.76 -20.71 -2.68
N GLY A 177 -27.22 -19.91 -3.61
CA GLY A 177 -26.87 -18.53 -3.31
C GLY A 177 -25.81 -18.38 -2.25
N GLU A 178 -24.84 -19.29 -2.26
CA GLU A 178 -23.79 -19.28 -1.26
C GLU A 178 -22.96 -18.01 -1.31
N ALA A 179 -22.73 -17.48 -2.51
CA ALA A 179 -21.86 -16.31 -2.67
C ALA A 179 -22.30 -15.09 -1.86
N GLU A 180 -23.61 -14.81 -1.83
CA GLU A 180 -24.08 -13.64 -1.10
C GLU A 180 -23.98 -13.82 0.41
N ARG A 181 -24.17 -15.05 0.89
CA ARG A 181 -24.03 -15.35 2.32
C ARG A 181 -22.58 -15.11 2.76
N LEU A 182 -21.67 -15.59 1.93
CA LEU A 182 -20.24 -15.43 2.15
C LEU A 182 -19.78 -13.97 2.03
N ARG A 183 -20.37 -13.23 1.10
CA ARG A 183 -20.07 -11.81 0.94
C ARG A 183 -20.41 -11.04 2.22
N ALA A 184 -21.53 -11.40 2.85
CA ALA A 184 -21.92 -10.81 4.12
C ALA A 184 -20.87 -11.04 5.20
N TYR A 185 -20.43 -12.29 5.39
CA TYR A 185 -19.42 -12.60 6.39
C TYR A 185 -18.13 -11.80 6.15
N LEU A 186 -17.69 -11.73 4.90
CA LEU A 186 -16.44 -11.09 4.56
C LEU A 186 -16.50 -9.56 4.77
N GLU A 187 -17.60 -8.95 4.39
CA GLU A 187 -17.78 -7.50 4.56
C GLU A 187 -18.04 -7.10 6.01
N GLY A 188 -18.63 -7.99 6.79
CA GLY A 188 -19.02 -7.70 8.16
C GLY A 188 -18.13 -8.33 9.22
N THR A 189 -18.44 -9.58 9.56
CA THR A 189 -17.78 -10.28 10.65
C THR A 189 -16.25 -10.27 10.51
N CYS A 190 -15.75 -10.62 9.34
CA CYS A 190 -14.30 -10.66 9.08
C CYS A 190 -13.66 -9.31 9.41
N VAL A 191 -14.19 -8.25 8.81
CA VAL A 191 -13.71 -6.88 9.03
C VAL A 191 -13.72 -6.52 10.52
N GLU A 192 -14.83 -6.83 11.19
CA GLU A 192 -14.99 -6.47 12.59
C GLU A 192 -13.96 -7.16 13.46
N TRP A 193 -13.77 -8.45 13.25
CA TRP A 193 -12.74 -9.16 14.00
C TRP A 193 -11.34 -8.64 13.70
N LEU A 194 -11.07 -8.31 12.44
CA LEU A 194 -9.77 -7.74 12.07
C LEU A 194 -9.50 -6.47 12.87
N ARG A 195 -10.50 -5.58 12.93
CA ARG A 195 -10.34 -4.33 13.70
C ARG A 195 -10.02 -4.63 15.14
N ARG A 196 -10.77 -5.56 15.73
CA ARG A 196 -10.51 -5.99 17.10
C ARG A 196 -9.05 -6.47 17.29
N TYR A 197 -8.62 -7.38 16.41
CA TYR A 197 -7.27 -7.96 16.52
C TYR A 197 -6.18 -6.89 16.35
N LEU A 198 -6.42 -5.92 15.48
CA LEU A 198 -5.49 -4.81 15.31
C LEU A 198 -5.37 -3.96 16.58
N LYS A 199 -6.50 -3.72 17.25
CA LYS A 199 -6.47 -2.95 18.50
C LYS A 199 -5.52 -3.59 19.52
N ASN A 200 -5.59 -4.89 19.65
CA ASN A 200 -4.76 -5.59 20.63
C ASN A 200 -3.32 -5.84 20.17
N GLY A 201 -3.11 -5.97 18.86
CA GLY A 201 -1.80 -6.36 18.33
C GLY A 201 -1.06 -5.37 17.44
N ASN A 202 -1.67 -4.20 17.19
CA ASN A 202 -1.10 -3.22 16.26
C ASN A 202 0.35 -2.89 16.55
N ALA A 203 0.61 -2.47 17.79
CA ALA A 203 1.97 -2.19 18.26
C ALA A 203 2.93 -3.33 17.84
N THR A 204 2.64 -4.55 18.30
CA THR A 204 3.46 -5.71 17.96
C THR A 204 3.62 -5.85 16.45
N LEU A 205 2.53 -5.69 15.72
CA LEU A 205 2.54 -5.87 14.27
C LEU A 205 3.34 -4.83 13.50
N LEU A 206 3.47 -3.62 14.07
CA LEU A 206 4.27 -2.56 13.45
C LEU A 206 5.78 -2.68 13.75
N ARG A 207 6.21 -3.65 14.56
CA ARG A 207 7.62 -3.77 14.96
C ARG A 207 8.52 -3.99 13.76
N THR A 208 9.72 -3.42 13.82
CA THR A 208 10.73 -3.62 12.80
C THR A 208 12.10 -3.82 13.43
N ASP A 209 12.85 -4.77 12.90
CA ASP A 209 14.26 -4.92 13.20
C ASP A 209 15.03 -4.63 11.94
N SER A 210 15.95 -3.68 12.02
CA SER A 210 16.72 -3.29 10.86
C SER A 210 17.85 -4.32 10.63
N PRO A 211 18.24 -4.51 9.35
CA PRO A 211 19.33 -5.42 9.05
C PRO A 211 20.69 -4.91 9.50
N LYS A 212 21.52 -5.82 9.98
CA LYS A 212 22.96 -5.60 10.09
C LYS A 212 23.53 -6.21 8.82
N ALA A 213 24.38 -5.45 8.14
CA ALA A 213 24.94 -5.89 6.87
C ALA A 213 26.46 -5.96 6.94
N HIS A 214 27.05 -6.83 6.13
CA HIS A 214 28.51 -6.82 5.92
C HIS A 214 28.83 -7.55 4.63
N VAL A 215 30.05 -7.35 4.12
CA VAL A 215 30.48 -8.00 2.88
C VAL A 215 31.58 -9.00 3.17
N THR A 216 31.44 -10.24 2.69
CA THR A 216 32.52 -11.22 2.77
C THR A 216 33.16 -11.44 1.40
N HIS A 217 34.34 -12.04 1.41
CA HIS A 217 35.22 -12.13 0.26
C HIS A 217 35.67 -13.59 0.13
N HIS A 218 35.54 -14.15 -1.07
CA HIS A 218 35.90 -15.54 -1.31
C HIS A 218 36.60 -15.70 -2.64
N SER A 219 37.54 -16.64 -2.67
CA SER A 219 38.40 -16.82 -3.82
C SER A 219 38.93 -18.24 -3.78
N ARG A 220 38.83 -18.96 -4.89
CA ARG A 220 39.67 -20.13 -5.11
C ARG A 220 40.87 -19.62 -5.91
N PRO A 221 41.92 -20.46 -6.06
CA PRO A 221 43.07 -20.04 -6.85
C PRO A 221 42.74 -19.70 -8.32
N GLU A 222 42.32 -18.45 -8.56
CA GLU A 222 41.89 -17.98 -9.90
C GLU A 222 41.82 -16.44 -9.93
N ASP A 223 41.71 -15.86 -11.13
CA ASP A 223 41.70 -14.38 -11.28
C ASP A 223 40.37 -13.64 -10.95
N LYS A 224 39.42 -14.35 -10.35
CA LYS A 224 38.12 -13.79 -9.95
C LYS A 224 37.91 -13.97 -8.46
N VAL A 225 37.08 -13.10 -7.88
CA VAL A 225 36.63 -13.27 -6.49
C VAL A 225 35.13 -13.04 -6.39
N THR A 226 34.56 -13.59 -5.32
CA THR A 226 33.14 -13.49 -5.04
C THR A 226 32.99 -12.56 -3.85
N LEU A 227 32.17 -11.53 -4.02
CA LEU A 227 31.78 -10.66 -2.93
C LEU A 227 30.35 -11.02 -2.57
N ARG A 228 30.12 -11.33 -1.30
CA ARG A 228 28.80 -11.69 -0.82
C ARG A 228 28.31 -10.66 0.18
N CYS A 229 27.19 -10.01 -0.16
CA CYS A 229 26.57 -9.03 0.72
C CYS A 229 25.51 -9.69 1.57
N TRP A 230 25.64 -9.54 2.89
CA TRP A 230 24.80 -10.23 3.86
C TRP A 230 23.91 -9.26 4.60
N ALA A 231 22.67 -9.67 4.85
CA ALA A 231 21.75 -8.93 5.71
C ALA A 231 21.20 -9.89 6.74
N LEU A 232 21.35 -9.52 8.01
CA LEU A 232 20.99 -10.41 9.13
C LEU A 232 20.13 -9.72 10.18
N GLY A 233 19.34 -10.51 10.88
CA GLY A 233 18.59 -10.08 12.06
C GLY A 233 17.49 -9.10 11.77
N PHE A 234 16.84 -9.22 10.62
CA PHE A 234 15.84 -8.22 10.24
C PHE A 234 14.41 -8.76 10.27
N TYR A 235 13.48 -7.85 10.55
CA TYR A 235 12.04 -8.12 10.50
C TYR A 235 11.30 -6.84 10.08
N PRO A 236 10.30 -6.97 9.19
CA PRO A 236 9.80 -8.20 8.53
C PRO A 236 10.72 -8.73 7.44
N ALA A 237 10.28 -9.78 6.76
CA ALA A 237 11.08 -10.47 5.75
C ALA A 237 11.37 -9.65 4.48
N ASP A 238 10.50 -8.69 4.17
CA ASP A 238 10.63 -7.92 2.94
C ASP A 238 11.92 -7.12 2.95
N ILE A 239 12.71 -7.28 1.90
CA ILE A 239 14.00 -6.62 1.82
C ILE A 239 14.45 -6.70 0.40
N THR A 240 15.30 -5.77 0.00
CA THR A 240 15.96 -5.83 -1.30
C THR A 240 17.45 -5.60 -1.14
N LEU A 241 18.24 -6.42 -1.82
CA LEU A 241 19.69 -6.28 -1.89
C LEU A 241 20.09 -6.09 -3.33
N THR A 242 20.94 -5.12 -3.59
CA THR A 242 21.52 -4.95 -4.92
C THR A 242 23.02 -4.79 -4.85
N TRP A 243 23.69 -5.12 -5.96
CA TRP A 243 25.06 -4.73 -6.19
C TRP A 243 25.08 -3.70 -7.30
N GLN A 244 25.92 -2.68 -7.13
CA GLN A 244 26.12 -1.67 -8.15
C GLN A 244 27.57 -1.65 -8.61
N LEU A 245 27.75 -1.59 -9.93
CA LEU A 245 29.04 -1.24 -10.53
C LEU A 245 28.88 0.15 -11.15
N ASN A 246 29.69 1.10 -10.69
CA ASN A 246 29.54 2.48 -11.14
C ASN A 246 28.14 2.90 -10.67
N GLY A 247 27.31 3.47 -11.54
CA GLY A 247 25.93 3.78 -11.19
C GLY A 247 24.98 2.60 -11.33
N GLU A 248 25.19 1.78 -12.35
CA GLU A 248 24.22 0.76 -12.76
C GLU A 248 24.09 -0.43 -11.78
N GLU A 249 22.87 -0.93 -11.61
CA GLU A 249 22.61 -2.16 -10.85
C GLU A 249 22.89 -3.40 -11.68
N LEU A 250 23.41 -4.44 -11.03
CA LEU A 250 23.83 -5.66 -11.72
C LEU A 250 22.82 -6.76 -11.52
N ILE A 251 21.67 -6.63 -12.16
CA ILE A 251 20.56 -7.57 -11.99
C ILE A 251 20.91 -8.94 -12.61
N GLN A 252 21.39 -8.94 -13.84
CA GLN A 252 21.63 -10.20 -14.55
C GLN A 252 22.74 -11.05 -13.92
N ASP A 253 23.73 -10.41 -13.32
CA ASP A 253 24.96 -11.11 -12.87
C ASP A 253 24.91 -11.61 -11.42
N MET A 254 24.08 -10.97 -10.58
CA MET A 254 23.97 -11.34 -9.18
C MET A 254 23.51 -12.77 -8.96
N GLU A 255 24.03 -13.40 -7.91
CA GLU A 255 23.40 -14.57 -7.33
C GLU A 255 22.63 -14.12 -6.08
N LEU A 256 21.42 -14.65 -5.92
CA LEU A 256 20.54 -14.30 -4.82
C LEU A 256 20.04 -15.57 -4.17
N VAL A 257 19.81 -15.54 -2.87
CA VAL A 257 19.08 -16.62 -2.21
C VAL A 257 17.77 -16.07 -1.72
N GLU A 258 16.79 -16.95 -1.64
CA GLU A 258 15.51 -16.61 -1.06
C GLU A 258 15.72 -16.21 0.40
N THR A 259 14.98 -15.19 0.83
CA THR A 259 14.95 -14.80 2.22
C THR A 259 14.49 -15.97 3.08
N ARG A 260 15.09 -16.10 4.25
CA ARG A 260 14.98 -17.33 5.01
C ARG A 260 15.00 -17.01 6.49
N PRO A 261 14.29 -17.82 7.30
CA PRO A 261 14.23 -17.57 8.74
C PRO A 261 15.48 -17.98 9.44
N ALA A 262 15.98 -17.10 10.32
CA ALA A 262 17.06 -17.44 11.22
C ALA A 262 16.61 -18.45 12.26
N GLY A 263 15.31 -18.48 12.52
CA GLY A 263 14.73 -19.40 13.48
C GLY A 263 14.43 -18.72 14.81
N ASP A 264 14.74 -17.44 14.91
CA ASP A 264 14.50 -16.67 16.12
C ASP A 264 13.50 -15.53 15.90
N GLY A 265 12.74 -15.58 14.81
CA GLY A 265 11.81 -14.51 14.46
C GLY A 265 12.33 -13.52 13.43
N THR A 266 13.65 -13.49 13.23
CA THR A 266 14.25 -12.60 12.24
C THR A 266 14.67 -13.37 10.99
N PHE A 267 15.06 -12.65 9.95
CA PHE A 267 15.37 -13.25 8.66
C PHE A 267 16.76 -12.90 8.18
N GLN A 268 17.18 -13.62 7.14
CA GLN A 268 18.50 -13.50 6.57
C GLN A 268 18.35 -13.42 5.07
N LYS A 269 19.29 -12.76 4.42
CA LYS A 269 19.38 -12.85 2.97
C LYS A 269 20.81 -12.52 2.58
N TRP A 270 21.22 -12.96 1.39
CA TRP A 270 22.45 -12.48 0.81
C TRP A 270 22.39 -12.41 -0.70
N ALA A 271 23.22 -11.53 -1.24
CA ALA A 271 23.40 -11.39 -2.68
C ALA A 271 24.90 -11.32 -2.97
N SER A 272 25.33 -11.99 -4.03
CA SER A 272 26.75 -12.10 -4.34
C SER A 272 26.98 -11.84 -5.81
N VAL A 273 28.22 -11.43 -6.11
CA VAL A 273 28.64 -11.12 -7.46
C VAL A 273 30.09 -11.57 -7.67
N VAL A 274 30.40 -12.05 -8.87
CA VAL A 274 31.78 -12.47 -9.21
C VAL A 274 32.46 -11.32 -9.91
N VAL A 275 33.59 -10.87 -9.37
CA VAL A 275 34.27 -9.70 -9.92
C VAL A 275 35.76 -9.97 -10.17
N PRO A 276 36.40 -9.14 -11.00
CA PRO A 276 37.82 -9.31 -11.22
C PRO A 276 38.66 -9.06 -9.99
N LEU A 277 39.72 -9.85 -9.85
CA LEU A 277 40.67 -9.71 -8.77
C LEU A 277 41.31 -8.32 -8.83
N GLY A 278 41.29 -7.60 -7.72
CA GLY A 278 41.81 -6.23 -7.67
C GLY A 278 40.79 -5.11 -7.88
N LYS A 279 39.57 -5.46 -8.32
CA LYS A 279 38.53 -4.47 -8.64
C LYS A 279 37.40 -4.43 -7.60
N GLU A 280 37.64 -4.98 -6.42
CA GLU A 280 36.63 -5.11 -5.40
C GLU A 280 36.00 -3.78 -5.02
N GLN A 281 36.82 -2.72 -5.03
CA GLN A 281 36.40 -1.40 -4.57
C GLN A 281 35.61 -0.60 -5.60
N TYR A 282 35.28 -1.20 -6.73
CA TYR A 282 34.42 -0.58 -7.74
C TYR A 282 32.96 -1.01 -7.56
N TYR A 283 32.69 -1.90 -6.60
CA TYR A 283 31.35 -2.46 -6.42
C TYR A 283 30.78 -2.05 -5.09
N THR A 284 29.48 -1.79 -5.05
CA THR A 284 28.83 -1.29 -3.85
C THR A 284 27.60 -2.14 -3.61
N CYS A 285 27.38 -2.52 -2.35
CA CYS A 285 26.17 -3.24 -1.98
C CYS A 285 25.16 -2.27 -1.36
N HIS A 286 23.89 -2.42 -1.74
CA HIS A 286 22.81 -1.59 -1.18
C HIS A 286 21.73 -2.45 -0.54
N VAL A 287 21.39 -2.12 0.70
CA VAL A 287 20.37 -2.81 1.48
C VAL A 287 19.18 -1.89 1.75
N TYR A 288 18.02 -2.26 1.22
CA TYR A 288 16.78 -1.49 1.37
C TYR A 288 15.80 -2.23 2.23
N HIS A 289 15.39 -1.61 3.33
CA HIS A 289 14.48 -2.24 4.28
C HIS A 289 13.77 -1.14 5.05
N GLN A 290 12.50 -1.37 5.35
CA GLN A 290 11.64 -0.34 5.95
C GLN A 290 12.03 0.10 7.35
N GLY A 291 12.77 -0.76 8.05
CA GLY A 291 13.37 -0.39 9.33
C GLY A 291 14.61 0.47 9.22
N LEU A 292 14.99 0.87 8.01
CA LEU A 292 16.13 1.76 7.83
C LEU A 292 15.71 3.19 7.49
N PRO A 293 16.13 4.17 8.29
CA PRO A 293 15.84 5.55 7.93
C PRO A 293 16.37 5.90 6.53
N GLU A 294 17.48 5.28 6.16
CA GLU A 294 18.11 5.46 4.87
C GLU A 294 18.76 4.13 4.47
N PRO A 295 18.72 3.79 3.17
CA PRO A 295 19.34 2.52 2.76
C PRO A 295 20.82 2.46 3.11
N LEU A 296 21.31 1.28 3.48
CA LEU A 296 22.72 1.09 3.80
C LEU A 296 23.48 0.94 2.51
N THR A 297 24.67 1.50 2.47
CA THR A 297 25.56 1.31 1.34
C THR A 297 26.87 0.79 1.92
N LEU A 298 27.45 -0.22 1.29
CA LEU A 298 28.71 -0.76 1.79
C LEU A 298 29.57 -1.44 0.74
N ARG A 299 30.84 -1.62 1.09
CA ARG A 299 31.89 -2.15 0.23
C ARG A 299 32.69 -3.23 0.97
N TRP A 300 33.41 -4.06 0.22
CA TRP A 300 34.37 -4.97 0.83
C TRP A 300 35.42 -4.13 1.55
N GLU A 301 35.67 -4.50 2.80
CA GLU A 301 36.52 -3.74 3.71
C GLU A 301 37.40 -4.70 4.49
N PRO A 302 38.58 -5.04 3.95
CA PRO A 302 39.48 -5.88 4.73
C PRO A 302 40.07 -5.09 5.90
N PRO A 303 39.85 -5.55 7.15
CA PRO A 303 40.47 -4.79 8.26
C PRO A 303 42.00 -4.96 8.35
N PRO A 304 42.52 -6.18 8.11
CA PRO A 304 43.93 -6.30 7.75
C PRO A 304 44.10 -6.60 6.25
N ILE B 2 -0.31 -33.53 -9.08
CA ILE B 2 0.60 -32.46 -9.59
C ILE B 2 1.63 -32.07 -8.53
N GLN B 3 2.72 -32.83 -8.46
CA GLN B 3 3.73 -32.69 -7.40
C GLN B 3 4.76 -31.60 -7.66
N LYS B 4 5.28 -31.03 -6.58
CA LYS B 4 6.23 -29.93 -6.64
C LYS B 4 7.47 -30.29 -5.84
N THR B 5 8.63 -30.03 -6.44
CA THR B 5 9.93 -30.44 -5.89
C THR B 5 10.44 -29.49 -4.81
N PRO B 6 10.78 -30.03 -3.63
CA PRO B 6 11.26 -29.12 -2.59
C PRO B 6 12.53 -28.37 -2.98
N GLN B 7 12.63 -27.15 -2.50
CA GLN B 7 13.83 -26.36 -2.56
C GLN B 7 14.34 -26.36 -1.14
N ILE B 8 15.66 -26.34 -0.98
CA ILE B 8 16.31 -26.57 0.30
C ILE B 8 17.45 -25.59 0.49
N GLN B 9 17.53 -25.00 1.67
CA GLN B 9 18.67 -24.17 2.05
C GLN B 9 19.20 -24.66 3.39
N VAL B 10 20.51 -24.86 3.50
CA VAL B 10 21.13 -25.25 4.75
C VAL B 10 22.10 -24.15 5.17
N TYR B 11 22.00 -23.70 6.42
CA TYR B 11 22.68 -22.49 6.87
C TYR B 11 22.56 -22.37 8.39
N SER B 12 23.45 -21.58 9.00
CA SER B 12 23.43 -21.40 10.44
C SER B 12 22.62 -20.18 10.86
N ARG B 13 22.14 -20.18 12.10
CA ARG B 13 21.40 -19.04 12.61
C ARG B 13 22.33 -17.84 12.77
N HIS B 14 23.53 -18.09 13.27
CA HIS B 14 24.52 -17.04 13.47
C HIS B 14 25.76 -17.30 12.61
N PRO B 15 26.54 -16.25 12.31
CA PRO B 15 27.79 -16.51 11.60
C PRO B 15 28.61 -17.56 12.36
N PRO B 16 29.10 -18.57 11.64
CA PRO B 16 29.79 -19.66 12.32
C PRO B 16 31.13 -19.23 12.89
N GLU B 17 31.47 -19.78 14.06
CA GLU B 17 32.78 -19.60 14.67
C GLU B 17 33.15 -20.92 15.32
N ASN B 18 34.29 -21.49 14.94
CA ASN B 18 34.68 -22.82 15.41
C ASN B 18 34.70 -22.84 16.94
N GLY B 19 34.12 -23.90 17.52
CA GLY B 19 34.03 -24.06 18.97
C GLY B 19 32.96 -23.24 19.68
N LYS B 20 32.17 -22.46 18.94
CA LYS B 20 31.13 -21.63 19.52
C LYS B 20 29.76 -22.20 19.15
N PRO B 21 28.94 -22.59 20.14
CA PRO B 21 27.58 -23.11 19.90
C PRO B 21 26.72 -22.24 18.97
N ASN B 22 25.90 -22.91 18.18
CA ASN B 22 25.13 -22.27 17.12
C ASN B 22 23.92 -23.15 16.84
N ILE B 23 23.08 -22.74 15.90
CA ILE B 23 21.98 -23.56 15.43
C ILE B 23 22.16 -23.75 13.93
N LEU B 24 21.99 -24.98 13.46
CA LEU B 24 21.99 -25.26 12.03
C LEU B 24 20.55 -25.43 11.54
N ASN B 25 20.20 -24.69 10.49
CA ASN B 25 18.86 -24.71 9.91
C ASN B 25 18.82 -25.48 8.61
N CYS B 26 17.69 -26.15 8.35
CA CYS B 26 17.38 -26.70 7.03
C CYS B 26 15.98 -26.24 6.65
N TYR B 27 15.91 -25.33 5.68
CA TYR B 27 14.66 -24.68 5.29
C TYR B 27 14.15 -25.30 4.00
N VAL B 28 12.96 -25.88 4.05
CA VAL B 28 12.43 -26.61 2.90
C VAL B 28 11.12 -25.98 2.51
N THR B 29 11.01 -25.64 1.23
CA THR B 29 9.93 -24.82 0.67
C THR B 29 9.44 -25.42 -0.64
N GLN B 30 8.38 -24.84 -1.19
CA GLN B 30 7.88 -25.16 -2.54
C GLN B 30 7.53 -26.62 -2.80
N PHE B 31 7.11 -27.36 -1.77
CA PHE B 31 6.80 -28.78 -1.99
C PHE B 31 5.32 -29.13 -1.83
N HIS B 32 4.91 -30.16 -2.55
CA HIS B 32 3.57 -30.71 -2.49
C HIS B 32 3.63 -32.13 -3.04
N PRO B 33 3.04 -33.13 -2.33
CA PRO B 33 2.17 -33.09 -1.14
C PRO B 33 2.94 -32.72 0.12
N PRO B 34 2.21 -32.59 1.26
CA PRO B 34 2.87 -32.09 2.46
C PRO B 34 3.68 -33.13 3.23
N HIS B 35 3.46 -34.41 2.99
CA HIS B 35 4.26 -35.43 3.64
C HIS B 35 5.69 -35.32 3.15
N ILE B 36 6.64 -35.26 4.09
CA ILE B 36 8.04 -35.08 3.78
C ILE B 36 8.93 -35.60 4.91
N GLU B 37 10.07 -36.17 4.56
CA GLU B 37 11.04 -36.64 5.56
C GLU B 37 12.33 -35.82 5.46
N ILE B 38 12.72 -35.23 6.59
CA ILE B 38 13.89 -34.37 6.66
C ILE B 38 14.85 -34.91 7.70
N GLN B 39 16.08 -35.17 7.29
CA GLN B 39 17.14 -35.59 8.20
C GLN B 39 18.29 -34.61 8.13
N MET B 40 18.99 -34.46 9.24
CA MET B 40 20.21 -33.70 9.28
C MET B 40 21.39 -34.62 9.61
N LEU B 41 22.48 -34.48 8.86
CA LEU B 41 23.61 -35.40 8.92
C LEU B 41 24.87 -34.69 9.36
N LYS B 42 25.63 -35.35 10.23
CA LYS B 42 26.96 -34.90 10.63
C LYS B 42 27.98 -35.95 10.18
N ASN B 43 28.89 -35.54 9.31
CA ASN B 43 29.89 -36.43 8.73
C ASN B 43 29.30 -37.74 8.24
N GLY B 44 28.17 -37.65 7.54
CA GLY B 44 27.48 -38.83 7.01
C GLY B 44 26.50 -39.54 7.96
N LYS B 45 26.53 -39.21 9.26
CA LYS B 45 25.73 -39.90 10.26
C LYS B 45 24.56 -39.02 10.70
N LYS B 46 23.37 -39.63 10.80
CA LYS B 46 22.16 -38.93 11.15
C LYS B 46 22.26 -38.29 12.53
N ILE B 47 21.87 -37.02 12.61
CA ILE B 47 21.80 -36.30 13.89
C ILE B 47 20.45 -36.62 14.52
N PRO B 48 20.45 -37.18 15.75
CA PRO B 48 19.19 -37.63 16.34
C PRO B 48 18.23 -36.52 16.76
N LYS B 49 18.68 -35.53 17.53
CA LYS B 49 17.77 -34.49 18.05
C LYS B 49 17.57 -33.33 17.05
N VAL B 50 16.66 -33.52 16.11
CA VAL B 50 16.32 -32.50 15.13
C VAL B 50 14.87 -32.08 15.34
N GLU B 51 14.68 -30.79 15.60
CA GLU B 51 13.36 -30.26 15.84
C GLU B 51 12.79 -29.66 14.56
N MET B 52 11.46 -29.72 14.45
CA MET B 52 10.74 -29.28 13.28
C MET B 52 9.77 -28.19 13.69
N SER B 53 9.70 -27.10 12.93
CA SER B 53 8.64 -26.12 13.12
C SER B 53 7.34 -26.77 12.68
N ASP B 54 6.24 -26.09 12.97
CA ASP B 54 4.95 -26.48 12.45
C ASP B 54 4.96 -26.19 10.96
N MET B 55 4.11 -26.89 10.21
CA MET B 55 4.07 -26.68 8.79
C MET B 55 3.14 -25.52 8.44
N SER B 56 3.40 -24.91 7.30
CA SER B 56 2.55 -23.86 6.76
C SER B 56 2.52 -24.02 5.26
N PHE B 57 1.63 -23.28 4.60
CA PHE B 57 1.67 -23.18 3.16
C PHE B 57 1.48 -21.74 2.71
N SER B 58 1.94 -21.48 1.49
CA SER B 58 1.98 -20.13 0.97
C SER B 58 0.90 -19.96 -0.08
N LYS B 59 0.80 -18.74 -0.61
CA LYS B 59 -0.26 -18.32 -1.53
C LYS B 59 -0.39 -19.21 -2.76
N ASP B 60 0.70 -19.81 -3.20
CA ASP B 60 0.65 -20.74 -4.34
C ASP B 60 0.32 -22.19 -3.94
N TRP B 61 -0.09 -22.38 -2.67
CA TRP B 61 -0.49 -23.68 -2.11
C TRP B 61 0.67 -24.56 -1.64
N SER B 62 1.89 -24.26 -2.05
CA SER B 62 3.04 -25.09 -1.69
C SER B 62 3.40 -24.91 -0.24
N PHE B 63 3.96 -25.97 0.34
CA PHE B 63 4.22 -26.05 1.77
C PHE B 63 5.65 -25.67 2.10
N TYR B 64 5.87 -25.30 3.36
CA TYR B 64 7.20 -24.99 3.86
C TYR B 64 7.31 -25.25 5.35
N ILE B 65 8.51 -25.62 5.76
CA ILE B 65 8.81 -26.01 7.12
C ILE B 65 10.29 -25.75 7.39
N LEU B 66 10.64 -25.52 8.65
CA LEU B 66 12.01 -25.32 9.07
C LEU B 66 12.47 -26.41 10.05
N ALA B 67 13.47 -27.19 9.64
CA ALA B 67 14.16 -28.11 10.55
C ALA B 67 15.39 -27.45 11.14
N HIS B 68 15.70 -27.77 12.39
CA HIS B 68 16.90 -27.24 12.99
C HIS B 68 17.45 -28.12 14.10
N THR B 69 18.70 -27.87 14.45
CA THR B 69 19.39 -28.65 15.45
C THR B 69 20.54 -27.83 16.02
N GLU B 70 20.90 -28.10 17.27
CA GLU B 70 22.03 -27.41 17.89
C GLU B 70 23.32 -28.02 17.37
N PHE B 71 24.35 -27.21 17.21
CA PHE B 71 25.66 -27.71 16.81
C PHE B 71 26.77 -26.72 17.15
N THR B 72 27.97 -27.25 17.29
CA THR B 72 29.15 -26.46 17.52
C THR B 72 30.08 -26.74 16.37
N PRO B 73 30.16 -25.81 15.40
CA PRO B 73 30.97 -26.05 14.22
C PRO B 73 32.46 -26.18 14.55
N THR B 74 33.18 -26.95 13.75
CA THR B 74 34.64 -27.06 13.81
C THR B 74 35.22 -26.91 12.41
N GLU B 75 36.54 -26.88 12.30
CA GLU B 75 37.16 -26.69 11.00
C GLU B 75 36.83 -27.82 10.02
N THR B 76 36.73 -29.05 10.54
CA THR B 76 36.67 -30.23 9.68
C THR B 76 35.34 -31.00 9.65
N ASP B 77 34.37 -30.64 10.49
CA ASP B 77 33.10 -31.37 10.48
C ASP B 77 32.24 -30.99 9.27
N THR B 78 31.78 -31.99 8.52
CA THR B 78 30.82 -31.76 7.45
C THR B 78 29.38 -31.95 7.95
N TYR B 79 28.49 -31.03 7.59
CA TYR B 79 27.06 -31.15 7.86
C TYR B 79 26.27 -31.13 6.56
N ALA B 80 25.09 -31.73 6.61
CA ALA B 80 24.21 -31.76 5.46
C ALA B 80 22.74 -31.93 5.90
N CYS B 81 21.84 -31.73 4.95
CA CYS B 81 20.42 -31.96 5.15
C CYS B 81 19.94 -32.88 4.05
N ARG B 82 19.20 -33.92 4.41
CA ARG B 82 18.69 -34.87 3.44
C ARG B 82 17.17 -34.90 3.49
N VAL B 83 16.57 -34.84 2.30
CA VAL B 83 15.13 -34.72 2.17
C VAL B 83 14.60 -35.79 1.25
N LYS B 84 13.59 -36.51 1.70
CA LYS B 84 12.92 -37.50 0.88
C LYS B 84 11.50 -37.03 0.66
N HIS B 85 11.04 -37.09 -0.59
CA HIS B 85 9.73 -36.60 -0.96
C HIS B 85 9.27 -37.21 -2.28
N ASP B 86 7.97 -37.47 -2.40
CA ASP B 86 7.43 -38.25 -3.54
C ASP B 86 7.70 -37.62 -4.90
N SER B 87 7.99 -36.33 -4.92
CA SER B 87 8.32 -35.63 -6.15
C SER B 87 9.68 -36.04 -6.74
N MET B 88 10.51 -36.72 -5.94
CA MET B 88 11.86 -37.09 -6.36
C MET B 88 12.07 -38.60 -6.30
N ALA B 89 12.80 -39.12 -7.28
CA ALA B 89 13.15 -40.55 -7.29
C ALA B 89 14.01 -40.91 -6.09
N GLU B 90 15.10 -40.18 -5.91
CA GLU B 90 16.05 -40.41 -4.82
C GLU B 90 15.92 -39.30 -3.77
N PRO B 91 16.43 -39.55 -2.55
CA PRO B 91 16.58 -38.47 -1.58
C PRO B 91 17.55 -37.39 -2.04
N LYS B 92 17.25 -36.15 -1.70
CA LYS B 92 18.09 -35.02 -2.08
C LYS B 92 18.92 -34.60 -0.87
N THR B 93 20.23 -34.43 -1.08
CA THR B 93 21.17 -34.06 -0.01
C THR B 93 21.85 -32.73 -0.32
N VAL B 94 21.78 -31.79 0.62
CA VAL B 94 22.38 -30.48 0.43
C VAL B 94 23.36 -30.28 1.58
N TYR B 95 24.59 -29.93 1.21
CA TYR B 95 25.67 -29.79 2.18
C TYR B 95 25.73 -28.36 2.68
N TRP B 96 26.06 -28.22 3.96
CA TRP B 96 26.29 -26.92 4.54
C TRP B 96 27.58 -26.31 3.99
N ASP B 97 27.47 -25.06 3.54
CA ASP B 97 28.62 -24.28 3.13
C ASP B 97 28.65 -23.10 4.08
N ARG B 98 29.72 -23.00 4.87
CA ARG B 98 29.77 -21.98 5.93
C ARG B 98 29.87 -20.55 5.38
N ASP B 99 30.08 -20.43 4.06
CA ASP B 99 30.09 -19.12 3.41
C ASP B 99 28.73 -18.77 2.77
N MET B 100 27.70 -19.59 2.99
CA MET B 100 26.39 -19.42 2.35
C MET B 100 25.23 -19.57 3.33
N PHE C 1 -12.13 -14.81 13.88
CA PHE C 1 -13.34 -15.62 13.52
C PHE C 1 -12.99 -16.47 12.30
N ALA C 2 -12.81 -17.78 12.51
CA ALA C 2 -12.31 -18.72 11.48
C ALA C 2 -13.00 -18.62 10.10
N PRO C 3 -14.33 -18.82 10.02
CA PRO C 3 -15.31 -19.28 10.97
C PRO C 3 -15.73 -20.70 10.61
N GLY C 4 -16.84 -21.17 11.17
CA GLY C 4 -17.33 -22.51 10.91
C GLY C 4 -18.24 -22.54 9.70
N ASN C 5 -18.83 -23.71 9.47
CA ASN C 5 -20.04 -23.84 8.67
C ASN C 5 -19.92 -23.30 7.22
N PRO C 7 -20.16 -24.26 3.17
CA PRO C 7 -21.00 -25.21 2.44
C PRO C 7 -20.21 -26.37 1.83
N ALA C 8 -20.84 -27.53 1.68
CA ALA C 8 -20.18 -28.72 1.16
C ALA C 8 -19.75 -28.51 -0.28
N LEU C 9 -18.61 -29.08 -0.63
CA LEU C 9 -18.15 -29.08 -2.01
C LEU C 9 -19.07 -29.98 -2.84
N GLY D 27 4.45 2.57 5.05
CA GLY D 27 4.20 4.00 4.68
C GLY D 27 4.99 4.43 3.46
N PRO D 28 4.38 4.35 2.26
CA PRO D 28 5.00 4.94 1.07
C PRO D 28 4.98 6.47 1.10
N HIS D 29 5.86 7.10 0.33
CA HIS D 29 5.99 8.55 0.30
C HIS D 29 6.27 9.03 -1.13
N SER D 30 6.02 10.32 -1.37
CA SER D 30 6.26 10.89 -2.68
C SER D 30 6.80 12.32 -2.58
N LEU D 31 7.55 12.72 -3.60
CA LEU D 31 7.95 14.10 -3.78
C LEU D 31 7.59 14.40 -5.22
N ARG D 32 6.72 15.37 -5.43
CA ARG D 32 6.28 15.72 -6.77
C ARG D 32 6.17 17.22 -6.97
N TYR D 33 6.45 17.66 -8.19
CA TYR D 33 6.36 19.05 -8.58
C TYR D 33 5.30 19.20 -9.67
N PHE D 34 4.37 20.12 -9.44
CA PHE D 34 3.27 20.43 -10.35
C PHE D 34 3.56 21.80 -10.95
N VAL D 35 3.77 21.85 -12.25
CA VAL D 35 4.26 23.05 -12.92
C VAL D 35 3.22 23.54 -13.92
N THR D 36 3.03 24.85 -13.98
CA THR D 36 2.09 25.47 -14.93
C THR D 36 2.71 26.66 -15.67
N ALA D 37 2.61 26.63 -17.00
CA ALA D 37 2.96 27.79 -17.82
C ALA D 37 1.76 28.20 -18.68
N VAL D 38 1.31 29.45 -18.52
CA VAL D 38 0.15 29.98 -19.26
C VAL D 38 0.53 31.20 -20.07
N SER D 39 0.46 31.11 -21.40
CA SER D 39 0.71 32.26 -22.26
C SER D 39 -0.41 33.29 -22.15
N ARG D 40 -0.05 34.57 -22.21
CA ARG D 40 -1.02 35.64 -22.06
C ARG D 40 -0.82 36.67 -23.17
N PRO D 41 -1.02 36.26 -24.43
CA PRO D 41 -0.69 37.16 -25.56
C PRO D 41 -1.34 38.54 -25.45
N GLY D 42 -0.55 39.58 -25.70
CA GLY D 42 -1.03 40.95 -25.58
C GLY D 42 -1.03 41.51 -24.16
N LEU D 43 -0.92 40.66 -23.15
CA LEU D 43 -0.99 41.10 -21.75
C LEU D 43 0.31 40.96 -20.97
N GLY D 44 1.37 40.47 -21.61
CA GLY D 44 2.65 40.28 -20.94
C GLY D 44 3.24 38.90 -21.15
N GLU D 45 4.24 38.57 -20.33
CA GLU D 45 4.93 37.29 -20.43
C GLU D 45 4.06 36.19 -19.85
N PRO D 46 4.33 34.92 -20.24
CA PRO D 46 3.55 33.83 -19.66
C PRO D 46 3.63 33.82 -18.13
N ARG D 47 2.55 33.38 -17.50
CA ARG D 47 2.53 33.22 -16.05
C ARG D 47 3.11 31.84 -15.79
N TYR D 48 4.03 31.75 -14.84
CA TYR D 48 4.72 30.48 -14.57
C TYR D 48 4.65 30.17 -13.09
N MET D 49 4.34 28.91 -12.79
CA MET D 49 4.09 28.47 -11.43
C MET D 49 4.69 27.09 -11.22
N GLU D 50 5.38 26.91 -10.09
CA GLU D 50 5.85 25.59 -9.66
C GLU D 50 5.43 25.35 -8.22
N VAL D 51 4.82 24.21 -7.97
CA VAL D 51 4.39 23.86 -6.64
C VAL D 51 4.94 22.50 -6.34
N GLY D 52 5.59 22.39 -5.18
CA GLY D 52 6.19 21.15 -4.74
C GLY D 52 5.36 20.54 -3.63
N TYR D 53 5.29 19.21 -3.63
CA TYR D 53 4.51 18.47 -2.65
C TYR D 53 5.29 17.30 -2.11
N VAL D 54 5.32 17.19 -0.78
CA VAL D 54 5.82 15.99 -0.12
C VAL D 54 4.59 15.30 0.43
N ASP D 55 4.37 14.05 0.02
CA ASP D 55 3.17 13.28 0.40
C ASP D 55 1.91 14.12 0.26
N ASP D 56 1.74 14.74 -0.90
CA ASP D 56 0.54 15.54 -1.22
C ASP D 56 0.36 16.78 -0.34
N THR D 57 1.39 17.16 0.41
CA THR D 57 1.38 18.38 1.21
C THR D 57 2.25 19.44 0.53
N GLU D 58 1.65 20.56 0.13
CA GLU D 58 2.40 21.66 -0.49
C GLU D 58 3.51 22.11 0.45
N PHE D 59 4.75 22.23 -0.04
CA PHE D 59 5.88 22.62 0.82
C PHE D 59 6.79 23.73 0.26
N VAL D 60 6.81 23.92 -1.05
CA VAL D 60 7.47 25.06 -1.67
C VAL D 60 6.64 25.57 -2.84
N ARG D 61 6.88 26.83 -3.23
CA ARG D 61 6.19 27.43 -4.36
C ARG D 61 7.02 28.56 -5.00
N PHE D 62 7.05 28.56 -6.33
CA PHE D 62 7.64 29.62 -7.13
C PHE D 62 6.54 30.20 -8.02
N ASP D 63 6.39 31.52 -7.99
CA ASP D 63 5.39 32.22 -8.81
C ASP D 63 6.07 33.34 -9.57
N SER D 64 6.02 33.32 -10.89
CA SER D 64 6.70 34.32 -11.71
C SER D 64 6.09 35.71 -11.59
N ASP D 65 4.88 35.79 -11.04
CA ASP D 65 4.18 37.05 -10.95
C ASP D 65 4.73 37.95 -9.83
N ALA D 66 5.96 38.41 -10.02
CA ALA D 66 6.61 39.31 -9.07
C ALA D 66 7.84 39.89 -9.74
N GLU D 67 8.34 40.99 -9.18
CA GLU D 67 9.49 41.70 -9.77
C GLU D 67 10.77 40.93 -9.52
N ASN D 68 10.88 40.35 -8.33
CA ASN D 68 11.99 39.48 -8.00
C ASN D 68 11.48 38.14 -7.46
N PRO D 69 10.89 37.31 -8.36
CA PRO D 69 10.29 36.05 -7.93
C PRO D 69 11.33 35.09 -7.41
N ARG D 70 11.01 34.42 -6.31
CA ARG D 70 11.93 33.56 -5.61
C ARG D 70 11.14 32.31 -5.14
N TYR D 71 11.79 31.16 -5.11
CA TYR D 71 11.18 29.98 -4.47
C TYR D 71 10.93 30.31 -2.99
N GLU D 72 9.78 29.89 -2.47
CA GLU D 72 9.37 30.21 -1.09
C GLU D 72 9.02 28.93 -0.33
N PRO D 73 9.28 28.91 0.99
CA PRO D 73 8.78 27.82 1.81
C PRO D 73 7.28 27.98 2.07
N ARG D 74 6.56 26.87 2.04
CA ARG D 74 5.13 26.86 2.31
C ARG D 74 4.79 25.99 3.52
N ALA D 75 5.81 25.53 4.24
CA ALA D 75 5.68 24.76 5.46
C ALA D 75 6.83 25.17 6.37
N ARG D 76 6.54 25.42 7.65
CA ARG D 76 7.52 26.03 8.56
C ARG D 76 8.78 25.19 8.70
N TRP D 77 8.66 23.88 8.57
CA TRP D 77 9.82 22.98 8.63
C TRP D 77 10.81 23.15 7.48
N MET D 78 10.44 23.88 6.42
CA MET D 78 11.36 24.17 5.33
C MET D 78 12.27 25.38 5.61
N GLU D 79 11.92 26.18 6.62
CA GLU D 79 12.75 27.34 6.99
C GLU D 79 14.15 26.96 7.50
N GLN D 80 14.35 25.67 7.80
CA GLN D 80 15.67 25.14 8.16
C GLN D 80 16.67 25.28 7.01
N GLU D 81 16.20 25.30 5.77
CA GLU D 81 17.10 25.32 4.62
C GLU D 81 17.76 26.69 4.46
N GLY D 82 19.04 26.68 4.14
CA GLY D 82 19.83 27.90 4.03
C GLY D 82 19.71 28.60 2.68
N PRO D 83 20.30 29.81 2.58
CA PRO D 83 20.18 30.63 1.37
C PRO D 83 20.69 29.95 0.09
N GLU D 84 21.72 29.12 0.20
CA GLU D 84 22.22 28.39 -0.96
C GLU D 84 21.11 27.54 -1.58
N TYR D 85 20.36 26.83 -0.74
CA TYR D 85 19.27 26.00 -1.21
C TYR D 85 18.27 26.85 -2.03
N TRP D 86 17.80 27.92 -1.41
CA TRP D 86 16.78 28.79 -2.00
C TRP D 86 17.26 29.47 -3.27
N GLU D 87 18.54 29.83 -3.30
CA GLU D 87 19.14 30.44 -4.48
C GLU D 87 19.12 29.47 -5.65
N ARG D 88 19.54 28.24 -5.39
CA ARG D 88 19.65 27.22 -6.42
C ARG D 88 18.25 26.86 -6.94
N GLU D 89 17.29 26.70 -6.04
CA GLU D 89 15.90 26.41 -6.47
C GLU D 89 15.34 27.54 -7.33
N THR D 90 15.50 28.79 -6.88
CA THR D 90 15.10 29.94 -7.67
C THR D 90 15.72 29.93 -9.07
N GLN D 91 17.02 29.70 -9.15
CA GLN D 91 17.70 29.66 -10.47
C GLN D 91 17.11 28.61 -11.40
N LYS D 92 16.90 27.40 -10.90
CA LYS D 92 16.30 26.33 -11.69
C LYS D 92 14.90 26.68 -12.19
N ALA D 93 14.09 27.25 -11.30
CA ALA D 93 12.73 27.68 -11.64
C ALA D 93 12.75 28.67 -12.77
N LYS D 94 13.62 29.67 -12.66
CA LYS D 94 13.81 30.68 -13.70
C LYS D 94 14.27 30.06 -15.00
N GLY D 95 15.14 29.06 -14.89
CA GLY D 95 15.54 28.29 -16.06
C GLY D 95 14.38 27.53 -16.69
N ASN D 96 13.58 26.86 -15.87
CA ASN D 96 12.41 26.15 -16.37
C ASN D 96 11.41 27.08 -17.05
N GLU D 97 11.21 28.25 -16.44
CA GLU D 97 10.29 29.27 -17.00
C GLU D 97 10.64 29.64 -18.44
N GLN D 98 11.92 29.90 -18.69
CA GLN D 98 12.38 30.24 -20.04
C GLN D 98 12.14 29.08 -21.00
N SER D 99 12.44 27.86 -20.55
CA SER D 99 12.28 26.69 -21.39
C SER D 99 10.82 26.49 -21.75
N PHE D 100 9.94 26.68 -20.78
CA PHE D 100 8.51 26.57 -21.06
C PHE D 100 8.01 27.68 -21.99
N ARG D 101 8.58 28.87 -21.88
CA ARG D 101 8.26 29.94 -22.83
C ARG D 101 8.57 29.51 -24.26
N VAL D 102 9.70 28.83 -24.45
CA VAL D 102 10.05 28.30 -25.77
C VAL D 102 9.07 27.19 -26.15
N ASP D 103 8.79 26.28 -25.22
CA ASP D 103 7.86 25.16 -25.49
C ASP D 103 6.49 25.63 -25.94
N LEU D 104 5.94 26.66 -25.28
CA LEU D 104 4.66 27.24 -25.71
C LEU D 104 4.69 27.67 -27.17
N ARG D 105 5.77 28.33 -27.58
CA ARG D 105 5.90 28.74 -28.97
C ARG D 105 6.01 27.53 -29.89
N THR D 106 6.83 26.56 -29.53
CA THR D 106 6.98 25.36 -30.33
C THR D 106 5.63 24.67 -30.58
N LEU D 107 4.82 24.57 -29.54
CA LEU D 107 3.53 23.90 -29.66
C LEU D 107 2.53 24.66 -30.53
N LEU D 108 2.59 26.00 -30.56
CA LEU D 108 1.76 26.74 -31.52
C LEU D 108 2.03 26.25 -32.94
N GLY D 109 3.31 26.08 -33.25
CA GLY D 109 3.71 25.52 -34.53
C GLY D 109 3.19 24.11 -34.77
N TYR D 110 3.37 23.21 -33.80
CA TYR D 110 2.94 21.82 -33.96
C TYR D 110 1.45 21.71 -34.27
N TYR D 111 0.65 22.54 -33.62
CA TYR D 111 -0.81 22.53 -33.79
C TYR D 111 -1.31 23.60 -34.76
N ASN D 112 -0.38 24.36 -35.34
CA ASN D 112 -0.72 25.43 -36.28
C ASN D 112 -1.74 26.39 -35.70
N GLN D 113 -1.48 26.86 -34.48
CA GLN D 113 -2.39 27.76 -33.77
C GLN D 113 -1.89 29.20 -33.84
N SER D 114 -2.83 30.13 -33.68
CA SER D 114 -2.55 31.55 -33.74
C SER D 114 -1.75 32.01 -32.53
N LYS D 115 -0.97 33.09 -32.73
CA LYS D 115 -0.19 33.68 -31.64
C LYS D 115 -1.05 34.52 -30.70
N GLY D 116 -2.33 34.71 -31.03
CA GLY D 116 -3.22 35.54 -30.21
C GLY D 116 -3.94 34.82 -29.10
N GLY D 117 -3.79 33.50 -29.02
CA GLY D 117 -4.54 32.69 -28.04
C GLY D 117 -3.75 32.32 -26.80
N SER D 118 -4.46 32.16 -25.68
CA SER D 118 -3.87 31.71 -24.44
C SER D 118 -3.78 30.19 -24.45
N HIS D 119 -2.64 29.65 -24.03
CA HIS D 119 -2.46 28.21 -24.00
C HIS D 119 -1.71 27.82 -22.75
N THR D 120 -1.89 26.57 -22.34
CA THR D 120 -1.40 26.06 -21.07
C THR D 120 -0.52 24.83 -21.31
N ILE D 121 0.64 24.81 -20.68
CA ILE D 121 1.42 23.57 -20.54
C ILE D 121 1.49 23.26 -19.06
N GLN D 122 1.20 22.00 -18.71
CA GLN D 122 1.34 21.50 -17.33
C GLN D 122 2.26 20.29 -17.26
N VAL D 123 3.02 20.19 -16.17
CA VAL D 123 3.89 19.03 -15.94
C VAL D 123 3.72 18.50 -14.53
N ILE D 124 3.70 17.17 -14.41
CA ILE D 124 3.80 16.49 -13.11
C ILE D 124 5.07 15.63 -13.15
N SER D 125 5.98 15.88 -12.21
CA SER D 125 7.33 15.32 -12.23
C SER D 125 7.67 14.92 -10.80
N GLY D 126 8.25 13.75 -10.62
CA GLY D 126 8.67 13.33 -9.28
C GLY D 126 8.71 11.85 -9.03
N CYS D 127 8.81 11.49 -7.76
CA CYS D 127 9.08 10.12 -7.37
C CYS D 127 8.24 9.72 -6.17
N GLU D 128 7.78 8.46 -6.17
CA GLU D 128 7.30 7.85 -4.92
C GLU D 128 8.13 6.63 -4.57
N VAL D 129 8.49 6.53 -3.29
CA VAL D 129 9.28 5.41 -2.80
C VAL D 129 8.48 4.63 -1.77
N GLY D 130 8.79 3.34 -1.69
CA GLY D 130 8.19 2.49 -0.66
C GLY D 130 8.76 2.79 0.70
N SER D 131 8.26 2.07 1.71
CA SER D 131 8.77 2.17 3.06
C SER D 131 10.20 1.62 3.16
N ASP D 132 10.58 0.78 2.22
CA ASP D 132 11.97 0.28 2.13
C ASP D 132 12.93 1.28 1.48
N GLY D 133 12.40 2.41 0.99
CA GLY D 133 13.23 3.47 0.46
C GLY D 133 13.52 3.36 -1.02
N ARG D 134 12.98 2.32 -1.67
CA ARG D 134 13.16 2.12 -3.11
C ARG D 134 12.05 2.75 -3.92
N LEU D 135 12.42 3.21 -5.10
CA LEU D 135 11.48 3.81 -6.03
C LEU D 135 10.39 2.83 -6.43
N LEU D 136 9.13 3.24 -6.27
CA LEU D 136 7.98 2.51 -6.77
C LEU D 136 7.49 3.06 -8.10
N ARG D 137 7.44 4.39 -8.22
CA ARG D 137 7.05 5.02 -9.49
C ARG D 137 7.80 6.31 -9.72
N GLY D 138 8.21 6.51 -10.98
CA GLY D 138 8.72 7.80 -11.43
C GLY D 138 7.66 8.46 -12.30
N TYR D 139 7.39 9.74 -12.05
CA TYR D 139 6.42 10.49 -12.82
C TYR D 139 7.13 11.55 -13.66
N GLN D 140 6.80 11.60 -14.95
CA GLN D 140 7.07 12.75 -15.79
C GLN D 140 5.97 12.80 -16.84
N GLN D 141 4.95 13.60 -16.55
CA GLN D 141 3.75 13.72 -17.39
C GLN D 141 3.56 15.17 -17.83
N TYR D 142 3.26 15.36 -19.13
CA TYR D 142 2.98 16.67 -19.69
C TYR D 142 1.55 16.74 -20.20
N ALA D 143 0.93 17.91 -20.08
CA ALA D 143 -0.35 18.18 -20.72
C ALA D 143 -0.35 19.52 -21.43
N TYR D 144 -1.11 19.58 -22.53
CA TYR D 144 -1.30 20.81 -23.27
C TYR D 144 -2.79 21.13 -23.28
N ASP D 145 -3.13 22.36 -22.89
CA ASP D 145 -4.53 22.79 -22.81
C ASP D 145 -5.43 21.78 -22.11
N GLY D 146 -4.97 21.29 -20.96
CA GLY D 146 -5.74 20.35 -20.14
C GLY D 146 -5.84 18.90 -20.60
N CYS D 147 -5.09 18.54 -21.65
CA CYS D 147 -5.11 17.18 -22.17
C CYS D 147 -3.73 16.56 -22.16
N ASP D 148 -3.68 15.25 -21.96
CA ASP D 148 -2.43 14.51 -22.02
C ASP D 148 -1.66 14.84 -23.30
N TYR D 149 -0.37 15.12 -23.16
CA TYR D 149 0.52 15.34 -24.30
C TYR D 149 1.48 14.16 -24.40
N ILE D 150 2.35 14.00 -23.40
CA ILE D 150 3.32 12.91 -23.39
C ILE D 150 3.67 12.53 -21.94
N ALA D 151 3.96 11.24 -21.71
CA ALA D 151 4.27 10.75 -20.37
C ALA D 151 5.32 9.65 -20.42
N LEU D 152 6.23 9.68 -19.45
CA LEU D 152 7.20 8.61 -19.28
C LEU D 152 6.47 7.39 -18.75
N ASN D 153 6.61 6.25 -19.41
CA ASN D 153 5.94 5.02 -18.98
C ASN D 153 6.51 4.49 -17.68
N GLU D 154 5.81 3.53 -17.08
CA GLU D 154 6.22 2.96 -15.79
C GLU D 154 7.55 2.24 -15.85
N ASP D 155 7.93 1.78 -17.03
CA ASP D 155 9.24 1.16 -17.23
C ASP D 155 10.40 2.14 -17.11
N LEU D 156 10.09 3.44 -17.19
CA LEU D 156 11.09 4.52 -17.15
C LEU D 156 12.07 4.48 -18.33
N LYS D 157 11.61 3.90 -19.43
CA LYS D 157 12.44 3.75 -20.63
C LYS D 157 11.76 4.24 -21.89
N THR D 158 10.43 4.18 -21.94
CA THR D 158 9.66 4.57 -23.12
C THR D 158 8.59 5.64 -22.81
N TRP D 159 8.18 6.35 -23.87
CA TRP D 159 7.21 7.43 -23.76
C TRP D 159 5.91 7.03 -24.43
N THR D 160 4.81 7.50 -23.86
CA THR D 160 3.49 7.41 -24.48
C THR D 160 3.12 8.80 -24.98
N ALA D 161 2.91 8.93 -26.29
CA ALA D 161 2.47 10.18 -26.89
C ALA D 161 0.97 10.10 -27.16
N ALA D 162 0.24 11.14 -26.80
CA ALA D 162 -1.23 11.12 -26.85
C ALA D 162 -1.80 11.59 -28.20
N ASP D 163 -0.99 12.26 -29.01
CA ASP D 163 -1.45 12.71 -30.34
C ASP D 163 -0.27 12.87 -31.29
N MET D 164 -0.57 13.30 -32.52
CA MET D 164 0.44 13.47 -33.57
C MET D 164 1.53 14.47 -33.21
N ALA D 165 1.15 15.56 -32.55
CA ALA D 165 2.13 16.59 -32.18
C ALA D 165 3.14 16.01 -31.19
N ALA D 166 2.65 15.26 -30.21
CA ALA D 166 3.51 14.66 -29.20
C ALA D 166 4.43 13.58 -29.75
N LEU D 167 4.08 12.97 -30.88
CA LEU D 167 4.98 12.06 -31.59
C LEU D 167 6.29 12.74 -32.03
N ILE D 168 6.23 14.03 -32.35
CA ILE D 168 7.43 14.76 -32.75
C ILE D 168 8.38 14.85 -31.56
N THR D 169 7.85 15.31 -30.43
CA THR D 169 8.60 15.34 -29.17
C THR D 169 9.19 13.97 -28.84
N LYS D 170 8.36 12.94 -28.97
CA LYS D 170 8.73 11.55 -28.66
C LYS D 170 9.95 11.08 -29.46
N HIS D 171 9.89 11.24 -30.77
CA HIS D 171 11.00 10.83 -31.64
C HIS D 171 12.26 11.61 -31.31
N LYS D 172 12.10 12.90 -31.02
CA LYS D 172 13.22 13.74 -30.64
C LYS D 172 13.90 13.21 -29.35
N TRP D 173 13.09 12.96 -28.33
CA TRP D 173 13.61 12.50 -27.04
C TRP D 173 14.20 11.09 -27.10
N GLU D 174 13.60 10.21 -27.90
CA GLU D 174 14.18 8.88 -28.13
C GLU D 174 15.58 8.97 -28.71
N GLN D 175 15.72 9.70 -29.81
CA GLN D 175 17.00 9.84 -30.49
C GLN D 175 18.10 10.34 -29.57
N ALA D 176 17.75 11.27 -28.68
CA ALA D 176 18.71 11.89 -27.75
C ALA D 176 18.84 11.12 -26.43
N GLY D 177 18.07 10.05 -26.27
CA GLY D 177 18.14 9.21 -25.09
C GLY D 177 17.78 9.94 -23.82
N GLU D 178 16.78 10.80 -23.90
CA GLU D 178 16.35 11.58 -22.75
C GLU D 178 15.82 10.70 -21.61
N ALA D 179 15.15 9.60 -21.94
CA ALA D 179 14.50 8.76 -20.93
C ALA D 179 15.48 8.20 -19.89
N GLU D 180 16.66 7.76 -20.33
CA GLU D 180 17.62 7.20 -19.38
C GLU D 180 18.25 8.28 -18.48
N ARG D 181 18.42 9.49 -19.00
CA ARG D 181 18.93 10.60 -18.20
C ARG D 181 17.95 10.97 -17.09
N LEU D 182 16.68 11.01 -17.48
CA LEU D 182 15.57 11.28 -16.57
C LEU D 182 15.37 10.17 -15.54
N ARG D 183 15.55 8.92 -15.96
CA ARG D 183 15.45 7.77 -15.05
C ARG D 183 16.48 7.88 -13.93
N ALA D 184 17.67 8.33 -14.28
CA ALA D 184 18.72 8.57 -13.29
C ALA D 184 18.28 9.59 -12.24
N TYR D 185 17.79 10.75 -12.67
CA TYR D 185 17.35 11.79 -11.73
C TYR D 185 16.26 11.27 -10.80
N LEU D 186 15.30 10.54 -11.35
CA LEU D 186 14.16 10.04 -10.59
C LEU D 186 14.56 8.97 -9.56
N GLU D 187 15.43 8.06 -9.96
CA GLU D 187 15.92 7.02 -9.05
C GLU D 187 16.90 7.53 -8.01
N GLY D 188 17.62 8.61 -8.32
CA GLY D 188 18.68 9.12 -7.44
C GLY D 188 18.31 10.40 -6.73
N THR D 189 18.54 11.53 -7.40
CA THR D 189 18.37 12.85 -6.82
C THR D 189 16.99 13.03 -6.16
N CYS D 190 15.93 12.70 -6.90
CA CYS D 190 14.57 12.83 -6.39
C CYS D 190 14.40 12.10 -5.06
N VAL D 191 14.76 10.81 -5.06
CA VAL D 191 14.67 9.96 -3.87
C VAL D 191 15.45 10.57 -2.69
N GLU D 192 16.67 11.01 -2.97
CA GLU D 192 17.56 11.55 -1.94
C GLU D 192 16.98 12.81 -1.31
N TRP D 193 16.50 13.72 -2.13
CA TRP D 193 15.85 14.91 -1.59
C TRP D 193 14.59 14.58 -0.80
N LEU D 194 13.81 13.60 -1.28
CA LEU D 194 12.61 13.17 -0.55
C LEU D 194 12.98 12.72 0.86
N ARG D 195 14.02 11.89 0.97
CA ARG D 195 14.47 11.42 2.28
C ARG D 195 14.85 12.60 3.17
N ARG D 196 15.60 13.54 2.62
CA ARG D 196 15.96 14.76 3.36
C ARG D 196 14.73 15.51 3.86
N TYR D 197 13.77 15.76 2.96
CA TYR D 197 12.56 16.51 3.32
C TYR D 197 11.75 15.79 4.38
N LEU D 198 11.70 14.45 4.30
CA LEU D 198 11.02 13.66 5.32
C LEU D 198 11.68 13.80 6.68
N LYS D 199 13.02 13.81 6.72
CA LYS D 199 13.73 14.00 8.00
C LYS D 199 13.28 15.28 8.70
N ASN D 200 13.18 16.37 7.95
CA ASN D 200 12.83 17.66 8.55
C ASN D 200 11.34 17.84 8.80
N GLY D 201 10.50 17.19 7.99
CA GLY D 201 9.06 17.40 8.08
C GLY D 201 8.20 16.22 8.50
N ASN D 202 8.82 15.06 8.74
CA ASN D 202 8.09 13.81 9.01
C ASN D 202 7.05 14.00 10.12
N ALA D 203 7.52 14.48 11.26
CA ALA D 203 6.65 14.79 12.40
C ALA D 203 5.40 15.56 11.95
N THR D 204 5.60 16.75 11.37
CA THR D 204 4.50 17.55 10.84
C THR D 204 3.63 16.73 9.87
N LEU D 205 4.26 15.99 8.97
CA LEU D 205 3.52 15.25 7.94
C LEU D 205 2.69 14.09 8.48
N LEU D 206 3.09 13.52 9.62
CA LEU D 206 2.35 12.42 10.24
C LEU D 206 1.14 12.87 11.05
N ARG D 207 0.96 14.18 11.20
CA ARG D 207 -0.14 14.70 12.01
C ARG D 207 -1.50 14.26 11.45
N THR D 208 -2.43 14.00 12.36
CA THR D 208 -3.80 13.66 12.02
C THR D 208 -4.72 14.41 12.97
N ASP D 209 -5.78 14.97 12.43
CA ASP D 209 -6.88 15.49 13.21
C ASP D 209 -8.07 14.60 12.91
N SER D 210 -8.65 14.01 13.94
CA SER D 210 -9.80 13.14 13.77
C SER D 210 -11.05 14.00 13.56
N PRO D 211 -12.02 13.48 12.79
CA PRO D 211 -13.27 14.20 12.59
C PRO D 211 -14.13 14.27 13.85
N LYS D 212 -14.77 15.43 14.04
CA LYS D 212 -15.90 15.56 14.93
C LYS D 212 -17.11 15.37 14.03
N ALA D 213 -18.03 14.51 14.44
CA ALA D 213 -19.20 14.21 13.63
C ALA D 213 -20.48 14.54 14.38
N HIS D 214 -21.53 14.88 13.63
CA HIS D 214 -22.87 15.01 14.20
C HIS D 214 -23.90 14.90 13.08
N VAL D 215 -25.15 14.65 13.45
CA VAL D 215 -26.23 14.53 12.47
C VAL D 215 -27.22 15.68 12.62
N THR D 216 -27.54 16.36 11.51
CA THR D 216 -28.59 17.38 11.52
C THR D 216 -29.82 16.88 10.80
N HIS D 217 -30.94 17.58 11.04
CA HIS D 217 -32.26 17.14 10.66
C HIS D 217 -32.94 18.29 9.92
N HIS D 218 -33.52 18.01 8.75
CA HIS D 218 -34.18 19.03 7.94
C HIS D 218 -35.47 18.50 7.31
N SER D 219 -36.44 19.39 7.18
CA SER D 219 -37.78 19.02 6.75
C SER D 219 -38.45 20.24 6.17
N ARG D 220 -39.03 20.10 4.99
CA ARG D 220 -40.07 21.04 4.56
C ARG D 220 -41.40 20.38 4.96
N PRO D 221 -42.50 21.13 4.89
CA PRO D 221 -43.81 20.54 5.21
C PRO D 221 -44.20 19.36 4.29
N GLU D 222 -43.75 18.15 4.66
CA GLU D 222 -43.95 16.94 3.86
C GLU D 222 -43.63 15.69 4.68
N ASP D 223 -44.03 14.50 4.19
CA ASP D 223 -43.85 13.24 4.96
C ASP D 223 -42.42 12.64 4.98
N LYS D 224 -41.43 13.39 4.49
CA LYS D 224 -40.04 12.95 4.47
C LYS D 224 -39.15 13.93 5.23
N VAL D 225 -38.00 13.46 5.71
CA VAL D 225 -36.98 14.33 6.28
C VAL D 225 -35.61 13.94 5.75
N THR D 226 -34.69 14.90 5.84
CA THR D 226 -33.31 14.75 5.40
C THR D 226 -32.43 14.69 6.65
N LEU D 227 -31.64 13.61 6.75
CA LEU D 227 -30.63 13.49 7.79
C LEU D 227 -29.29 13.72 7.13
N ARG D 228 -28.52 14.67 7.66
CA ARG D 228 -27.23 15.01 7.11
C ARG D 228 -26.14 14.69 8.12
N CYS D 229 -25.24 13.79 7.73
CA CYS D 229 -24.12 13.42 8.58
C CYS D 229 -22.90 14.26 8.23
N TRP D 230 -22.35 14.92 9.24
CA TRP D 230 -21.30 15.91 9.08
C TRP D 230 -20.00 15.40 9.67
N ALA D 231 -18.88 15.67 9.00
CA ALA D 231 -17.57 15.43 9.55
C ALA D 231 -16.76 16.72 9.40
N LEU D 232 -16.21 17.20 10.51
CA LEU D 232 -15.55 18.50 10.56
C LEU D 232 -14.20 18.43 11.24
N GLY D 233 -13.33 19.36 10.85
CA GLY D 233 -12.05 19.58 11.53
C GLY D 233 -11.07 18.43 11.38
N PHE D 234 -11.08 17.76 10.24
CA PHE D 234 -10.23 16.58 10.09
C PHE D 234 -9.07 16.80 9.11
N TYR D 235 -7.98 16.08 9.37
CA TYR D 235 -6.81 16.05 8.50
C TYR D 235 -6.14 14.68 8.62
N PRO D 236 -5.73 14.08 7.49
CA PRO D 236 -5.82 14.58 6.10
C PRO D 236 -7.22 14.50 5.50
N ALA D 237 -7.36 14.85 4.22
CA ALA D 237 -8.66 14.93 3.56
C ALA D 237 -9.37 13.59 3.37
N ASP D 238 -8.60 12.50 3.32
CA ASP D 238 -9.16 11.18 3.02
C ASP D 238 -10.13 10.77 4.11
N ILE D 239 -11.34 10.40 3.69
CA ILE D 239 -12.39 10.04 4.62
C ILE D 239 -13.48 9.34 3.87
N THR D 240 -14.25 8.50 4.55
CA THR D 240 -15.45 7.90 3.98
C THR D 240 -16.61 8.06 4.95
N LEU D 241 -17.76 8.44 4.40
CA LEU D 241 -19.02 8.53 5.13
C LEU D 241 -20.03 7.59 4.50
N THR D 242 -20.72 6.82 5.32
CA THR D 242 -21.84 6.01 4.84
C THR D 242 -23.08 6.21 5.71
N TRP D 243 -24.25 5.93 5.13
CA TRP D 243 -25.48 5.73 5.88
C TRP D 243 -25.88 4.26 5.77
N GLN D 244 -26.33 3.70 6.88
CA GLN D 244 -26.83 2.33 6.92
C GLN D 244 -28.30 2.31 7.35
N LEU D 245 -29.10 1.51 6.64
CA LEU D 245 -30.44 1.12 7.09
C LEU D 245 -30.38 -0.37 7.43
N ASN D 246 -30.68 -0.71 8.68
CA ASN D 246 -30.54 -2.09 9.14
C ASN D 246 -29.04 -2.40 8.99
N GLY D 247 -28.68 -3.51 8.35
CA GLY D 247 -27.27 -3.81 8.08
C GLY D 247 -26.73 -3.12 6.83
N GLU D 248 -27.55 -3.03 5.80
CA GLU D 248 -27.08 -2.63 4.47
C GLU D 248 -26.70 -1.13 4.33
N GLU D 249 -25.65 -0.86 3.56
CA GLU D 249 -25.26 0.51 3.19
C GLU D 249 -26.12 1.05 2.06
N LEU D 250 -26.42 2.35 2.12
CA LEU D 250 -27.33 2.99 1.17
C LEU D 250 -26.54 3.80 0.15
N ILE D 251 -25.84 3.12 -0.74
CA ILE D 251 -24.95 3.77 -1.71
C ILE D 251 -25.77 4.54 -2.75
N GLN D 252 -26.78 3.90 -3.32
CA GLN D 252 -27.55 4.52 -4.40
C GLN D 252 -28.35 5.75 -3.95
N ASP D 253 -28.79 5.79 -2.70
CA ASP D 253 -29.73 6.82 -2.23
C ASP D 253 -29.06 8.06 -1.61
N MET D 254 -27.85 7.90 -1.10
CA MET D 254 -27.12 8.99 -0.45
C MET D 254 -26.87 10.18 -1.37
N GLU D 255 -26.90 11.38 -0.80
CA GLU D 255 -26.28 12.55 -1.41
C GLU D 255 -24.95 12.80 -0.71
N LEU D 256 -23.93 13.10 -1.51
CA LEU D 256 -22.57 13.33 -1.02
C LEU D 256 -22.06 14.64 -1.59
N VAL D 257 -21.21 15.33 -0.83
CA VAL D 257 -20.44 16.44 -1.40
C VAL D 257 -18.98 16.07 -1.37
N GLU D 258 -18.25 16.63 -2.32
CA GLU D 258 -16.80 16.49 -2.37
C GLU D 258 -16.21 17.08 -1.09
N THR D 259 -15.20 16.40 -0.57
CA THR D 259 -14.45 16.90 0.57
C THR D 259 -13.83 18.26 0.22
N ARG D 260 -13.81 19.16 1.19
CA ARG D 260 -13.55 20.55 0.92
C ARG D 260 -12.81 21.17 2.09
N PRO D 261 -11.96 22.19 1.80
CA PRO D 261 -11.18 22.83 2.85
C PRO D 261 -12.00 23.80 3.67
N ALA D 262 -11.86 23.72 4.98
CA ALA D 262 -12.43 24.71 5.87
C ALA D 262 -11.72 26.04 5.74
N GLY D 263 -10.48 26.00 5.26
CA GLY D 263 -9.67 27.19 5.06
C GLY D 263 -8.66 27.39 6.16
N ASP D 264 -8.66 26.49 7.14
CA ASP D 264 -7.72 26.57 8.26
C ASP D 264 -6.79 25.37 8.31
N GLY D 265 -6.69 24.63 7.21
CA GLY D 265 -5.87 23.41 7.18
C GLY D 265 -6.64 22.12 7.37
N THR D 266 -7.87 22.19 7.90
CA THR D 266 -8.70 21.01 8.06
C THR D 266 -9.78 20.94 6.99
N PHE D 267 -10.46 19.80 6.92
CA PHE D 267 -11.45 19.56 5.88
C PHE D 267 -12.82 19.23 6.44
N GLN D 268 -13.80 19.26 5.54
CA GLN D 268 -15.19 19.04 5.87
C GLN D 268 -15.77 18.09 4.87
N LYS D 269 -16.76 17.34 5.29
CA LYS D 269 -17.55 16.56 4.34
C LYS D 269 -18.90 16.32 4.96
N TRP D 270 -19.90 16.03 4.13
CA TRP D 270 -21.16 15.52 4.63
C TRP D 270 -21.83 14.57 3.66
N ALA D 271 -22.64 13.69 4.23
CA ALA D 271 -23.46 12.75 3.47
C ALA D 271 -24.88 12.79 4.04
N SER D 272 -25.88 12.78 3.16
CA SER D 272 -27.27 12.92 3.58
C SER D 272 -28.14 11.89 2.90
N VAL D 273 -29.27 11.61 3.56
CA VAL D 273 -30.24 10.63 3.07
C VAL D 273 -31.67 11.12 3.38
N VAL D 274 -32.60 10.85 2.47
CA VAL D 274 -34.02 11.23 2.66
C VAL D 274 -34.76 10.04 3.22
N VAL D 275 -35.38 10.20 4.38
CA VAL D 275 -36.04 9.08 5.06
C VAL D 275 -37.47 9.39 5.47
N PRO D 276 -38.27 8.36 5.73
CA PRO D 276 -39.64 8.61 6.16
C PRO D 276 -39.72 9.30 7.51
N LEU D 277 -40.69 10.19 7.64
CA LEU D 277 -40.98 10.88 8.87
C LEU D 277 -41.30 9.86 9.97
N GLY D 278 -40.61 9.95 11.09
CA GLY D 278 -40.79 9.02 12.20
C GLY D 278 -39.81 7.84 12.24
N LYS D 279 -39.05 7.64 11.17
CA LYS D 279 -38.15 6.50 11.04
C LYS D 279 -36.67 6.87 11.16
N GLU D 280 -36.41 8.04 11.72
CA GLU D 280 -35.05 8.56 11.82
C GLU D 280 -34.10 7.61 12.53
N GLN D 281 -34.62 6.93 13.55
CA GLN D 281 -33.79 6.08 14.42
C GLN D 281 -33.47 4.70 13.85
N TYR D 282 -33.85 4.46 12.60
CA TYR D 282 -33.52 3.22 11.90
C TYR D 282 -32.27 3.39 11.05
N TYR D 283 -31.73 4.61 11.00
CA TYR D 283 -30.58 4.91 10.12
C TYR D 283 -29.37 5.28 10.94
N THR D 284 -28.21 4.85 10.47
CA THR D 284 -26.97 5.03 11.22
C THR D 284 -25.95 5.65 10.28
N CYS D 285 -25.22 6.63 10.77
CA CYS D 285 -24.11 7.19 10.00
C CYS D 285 -22.78 6.60 10.47
N HIS D 286 -21.90 6.27 9.52
CA HIS D 286 -20.56 5.76 9.84
C HIS D 286 -19.45 6.62 9.24
N VAL D 287 -18.50 7.02 10.08
CA VAL D 287 -17.36 7.85 9.68
C VAL D 287 -16.04 7.07 9.81
N TYR D 288 -15.39 6.85 8.68
CA TYR D 288 -14.11 6.14 8.62
C TYR D 288 -12.96 7.08 8.28
N HIS D 289 -11.98 7.17 9.16
CA HIS D 289 -10.83 8.06 8.98
C HIS D 289 -9.65 7.51 9.79
N GLN D 290 -8.44 7.67 9.25
CA GLN D 290 -7.22 7.08 9.84
C GLN D 290 -6.84 7.64 11.21
N GLY D 291 -7.29 8.84 11.53
CA GLY D 291 -7.11 9.40 12.86
C GLY D 291 -8.10 8.85 13.88
N LEU D 292 -8.94 7.88 13.49
CA LEU D 292 -9.86 7.25 14.44
C LEU D 292 -9.41 5.84 14.82
N PRO D 293 -9.23 5.59 16.13
CA PRO D 293 -8.88 4.24 16.55
C PRO D 293 -9.94 3.23 16.09
N GLU D 294 -11.18 3.69 16.03
CA GLU D 294 -12.31 2.89 15.57
C GLU D 294 -13.30 3.81 14.87
N PRO D 295 -13.95 3.34 13.79
CA PRO D 295 -14.91 4.20 13.11
C PRO D 295 -16.03 4.70 14.03
N LEU D 296 -16.47 5.94 13.82
CA LEU D 296 -17.57 6.50 14.61
C LEU D 296 -18.87 6.01 14.04
N THR D 297 -19.83 5.76 14.92
CA THR D 297 -21.16 5.40 14.52
C THR D 297 -22.11 6.37 15.21
N LEU D 298 -23.09 6.90 14.50
CA LEU D 298 -24.00 7.83 15.13
C LEU D 298 -25.38 7.92 14.47
N ARG D 299 -26.32 8.51 15.22
CA ARG D 299 -27.73 8.62 14.86
C ARG D 299 -28.23 10.04 15.09
N TRP D 300 -29.36 10.40 14.48
CA TRP D 300 -30.04 11.64 14.82
C TRP D 300 -30.44 11.58 16.28
N GLU D 301 -30.10 12.65 17.00
CA GLU D 301 -30.23 12.72 18.45
C GLU D 301 -30.76 14.10 18.86
N PRO D 302 -32.09 14.27 18.91
CA PRO D 302 -32.65 15.56 19.33
C PRO D 302 -32.56 15.76 20.86
N PRO D 303 -32.18 16.96 21.33
CA PRO D 303 -32.33 17.20 22.78
C PRO D 303 -33.79 17.46 23.16
N PRO D 304 -34.19 17.15 24.40
CA PRO D 304 -33.49 16.40 25.44
C PRO D 304 -33.96 14.94 25.51
N ILE E 2 -10.11 21.96 -25.11
CA ILE E 2 -10.95 20.98 -24.34
C ILE E 2 -11.24 21.51 -22.93
N GLN E 3 -12.28 22.33 -22.82
CA GLN E 3 -12.58 23.05 -21.58
C GLN E 3 -13.42 22.24 -20.59
N LYS E 4 -13.24 22.56 -19.31
CA LYS E 4 -13.89 21.83 -18.23
C LYS E 4 -14.64 22.81 -17.35
N THR E 5 -15.87 22.46 -17.00
CA THR E 5 -16.81 23.33 -16.30
C THR E 5 -16.56 23.35 -14.81
N PRO E 6 -16.38 24.54 -14.22
CA PRO E 6 -16.15 24.55 -12.78
C PRO E 6 -17.30 23.97 -11.96
N GLN E 7 -16.95 23.33 -10.86
CA GLN E 7 -17.87 22.90 -9.85
C GLN E 7 -17.61 23.83 -8.71
N ILE E 8 -18.66 24.14 -7.97
CA ILE E 8 -18.65 25.20 -6.99
C ILE E 8 -19.37 24.75 -5.73
N GLN E 9 -18.77 25.00 -4.58
CA GLN E 9 -19.43 24.79 -3.29
C GLN E 9 -19.32 26.07 -2.49
N VAL E 10 -20.43 26.51 -1.91
CA VAL E 10 -20.44 27.69 -1.05
C VAL E 10 -20.89 27.24 0.34
N TYR E 11 -20.13 27.63 1.36
CA TYR E 11 -20.28 27.09 2.70
C TYR E 11 -19.43 27.87 3.70
N SER E 12 -19.75 27.76 4.98
CA SER E 12 -19.03 28.50 6.01
C SER E 12 -17.91 27.67 6.64
N ARG E 13 -16.92 28.35 7.20
CA ARG E 13 -15.82 27.65 7.87
C ARG E 13 -16.33 26.96 9.14
N HIS E 14 -17.19 27.66 9.88
CA HIS E 14 -17.74 27.15 11.11
C HIS E 14 -19.25 27.04 10.98
N PRO E 15 -19.88 26.18 11.80
CA PRO E 15 -21.34 26.15 11.77
C PRO E 15 -21.90 27.56 12.00
N PRO E 16 -22.85 27.98 11.15
CA PRO E 16 -23.33 29.35 11.26
C PRO E 16 -24.17 29.58 12.52
N GLU E 17 -24.03 30.78 13.07
CA GLU E 17 -24.84 31.23 14.20
C GLU E 17 -25.10 32.70 13.98
N ASN E 18 -26.36 33.10 13.95
CA ASN E 18 -26.71 34.48 13.63
C ASN E 18 -26.01 35.44 14.59
N GLY E 19 -25.44 36.51 14.05
CA GLY E 19 -24.71 37.51 14.83
C GLY E 19 -23.30 37.15 15.27
N LYS E 20 -22.83 35.96 14.91
CA LYS E 20 -21.50 35.50 15.30
C LYS E 20 -20.60 35.47 14.07
N PRO E 21 -19.49 36.25 14.10
CA PRO E 21 -18.52 36.28 12.99
C PRO E 21 -18.05 34.91 12.51
N ASN E 22 -17.84 34.79 11.21
CA ASN E 22 -17.53 33.53 10.55
C ASN E 22 -16.78 33.84 9.25
N ILE E 23 -16.40 32.80 8.52
CA ILE E 23 -15.81 32.96 7.20
C ILE E 23 -16.70 32.23 6.22
N LEU E 24 -16.99 32.87 5.08
CA LEU E 24 -17.72 32.23 4.01
C LEU E 24 -16.75 31.81 2.90
N ASN E 25 -16.81 30.55 2.50
CA ASN E 25 -15.94 30.00 1.50
C ASN E 25 -16.67 29.80 0.17
N CYS E 26 -15.95 29.98 -0.93
CA CYS E 26 -16.39 29.54 -2.26
C CYS E 26 -15.28 28.70 -2.89
N TYR E 27 -15.51 27.40 -2.98
CA TYR E 27 -14.52 26.44 -3.43
C TYR E 27 -14.80 26.04 -4.88
N VAL E 28 -13.86 26.32 -5.77
CA VAL E 28 -14.07 26.12 -7.20
C VAL E 28 -13.02 25.15 -7.69
N THR E 29 -13.49 24.10 -8.35
CA THR E 29 -12.69 22.95 -8.72
C THR E 29 -13.02 22.53 -10.16
N GLN E 30 -12.28 21.56 -10.66
CA GLN E 30 -12.56 20.91 -11.94
C GLN E 30 -12.64 21.85 -13.14
N PHE E 31 -11.91 22.96 -13.15
CA PHE E 31 -11.98 23.87 -14.30
C PHE E 31 -10.69 23.98 -15.11
N HIS E 32 -10.86 24.27 -16.40
CA HIS E 32 -9.77 24.49 -17.33
C HIS E 32 -10.33 25.27 -18.52
N PRO E 33 -9.64 26.35 -18.97
CA PRO E 33 -8.34 26.91 -18.59
C PRO E 33 -8.32 27.51 -17.20
N PRO E 34 -7.13 27.94 -16.73
CA PRO E 34 -7.03 28.41 -15.35
C PRO E 34 -7.55 29.83 -15.10
N HIS E 35 -7.69 30.64 -16.14
CA HIS E 35 -8.24 31.98 -15.95
C HIS E 35 -9.69 31.85 -15.52
N ILE E 36 -10.03 32.54 -14.44
CA ILE E 36 -11.37 32.46 -13.87
C ILE E 36 -11.69 33.70 -13.04
N GLU E 37 -12.94 34.13 -13.07
CA GLU E 37 -13.39 35.27 -12.26
C GLU E 37 -14.41 34.80 -11.20
N ILE E 38 -14.10 35.10 -9.95
CA ILE E 38 -14.92 34.67 -8.82
C ILE E 38 -15.35 35.88 -8.02
N GLN E 39 -16.65 36.05 -7.86
CA GLN E 39 -17.20 37.12 -7.04
C GLN E 39 -18.05 36.51 -5.95
N MET E 40 -18.10 37.18 -4.81
CA MET E 40 -18.99 36.81 -3.73
C MET E 40 -20.02 37.94 -3.53
N LEU E 41 -21.29 37.56 -3.42
CA LEU E 41 -22.40 38.50 -3.41
C LEU E 41 -23.16 38.44 -2.09
N LYS E 42 -23.52 39.61 -1.58
CA LYS E 42 -24.41 39.73 -0.43
C LYS E 42 -25.69 40.43 -0.88
N ASN E 43 -26.82 39.74 -0.75
CA ASN E 43 -28.12 40.25 -1.18
C ASN E 43 -28.08 40.88 -2.58
N GLY E 44 -27.39 40.20 -3.50
CA GLY E 44 -27.25 40.68 -4.88
C GLY E 44 -26.10 41.64 -5.17
N LYS E 45 -25.46 42.17 -4.12
CA LYS E 45 -24.41 43.17 -4.27
C LYS E 45 -23.03 42.56 -4.00
N LYS E 46 -22.07 42.89 -4.86
CA LYS E 46 -20.72 42.35 -4.78
C LYS E 46 -20.04 42.70 -3.45
N ILE E 47 -19.45 41.70 -2.82
CA ILE E 47 -18.66 41.90 -1.60
C ILE E 47 -17.24 42.30 -2.03
N PRO E 48 -16.77 43.47 -1.59
CA PRO E 48 -15.49 43.96 -2.07
C PRO E 48 -14.26 43.17 -1.58
N LYS E 49 -14.12 42.95 -0.28
CA LYS E 49 -12.90 42.29 0.24
C LYS E 49 -12.99 40.76 0.21
N VAL E 50 -12.67 40.18 -0.94
CA VAL E 50 -12.66 38.73 -1.10
C VAL E 50 -11.23 38.28 -1.38
N GLU E 51 -10.72 37.41 -0.54
CA GLU E 51 -9.36 36.91 -0.68
C GLU E 51 -9.36 35.57 -1.40
N MET E 52 -8.28 35.32 -2.14
CA MET E 52 -8.14 34.15 -2.97
C MET E 52 -6.91 33.39 -2.50
N SER E 53 -7.02 32.06 -2.36
CA SER E 53 -5.85 31.23 -2.17
C SER E 53 -5.06 31.24 -3.47
N ASP E 54 -3.86 30.71 -3.41
CA ASP E 54 -3.07 30.50 -4.60
C ASP E 54 -3.75 29.39 -5.37
N MET E 55 -3.53 29.34 -6.68
CA MET E 55 -4.12 28.28 -7.47
C MET E 55 -3.27 27.01 -7.43
N SER E 56 -3.94 25.89 -7.66
CA SER E 56 -3.28 24.59 -7.78
C SER E 56 -4.01 23.81 -8.85
N PHE E 57 -3.42 22.68 -9.24
CA PHE E 57 -4.14 21.73 -10.08
C PHE E 57 -3.97 20.31 -9.57
N SER E 58 -4.91 19.46 -9.97
CA SER E 58 -4.96 18.11 -9.46
C SER E 58 -4.48 17.14 -10.53
N LYS E 59 -4.45 15.86 -10.17
CA LYS E 59 -3.90 14.79 -11.00
C LYS E 59 -4.52 14.69 -12.39
N ASP E 60 -5.78 15.10 -12.55
CA ASP E 60 -6.43 15.11 -13.86
C ASP E 60 -6.21 16.42 -14.63
N TRP E 61 -5.30 17.26 -14.14
CA TRP E 61 -4.91 18.53 -14.78
C TRP E 61 -5.82 19.70 -14.47
N SER E 62 -7.02 19.44 -13.95
CA SER E 62 -7.98 20.51 -13.68
C SER E 62 -7.56 21.33 -12.47
N PHE E 63 -7.93 22.61 -12.48
CA PHE E 63 -7.47 23.57 -11.49
C PHE E 63 -8.49 23.75 -10.36
N TYR E 64 -8.00 24.25 -9.23
CA TYR E 64 -8.84 24.52 -8.08
C TYR E 64 -8.27 25.64 -7.23
N ILE E 65 -9.18 26.38 -6.61
CA ILE E 65 -8.85 27.56 -5.84
C ILE E 65 -9.96 27.77 -4.81
N LEU E 66 -9.60 28.43 -3.71
CA LEU E 66 -10.56 28.75 -2.65
C LEU E 66 -10.67 30.27 -2.46
N ALA E 67 -11.86 30.82 -2.74
CA ALA E 67 -12.18 32.20 -2.40
C ALA E 67 -12.83 32.24 -1.03
N HIS E 68 -12.57 33.30 -0.28
CA HIS E 68 -13.23 33.46 1.00
C HIS E 68 -13.35 34.91 1.43
N THR E 69 -14.24 35.15 2.40
CA THR E 69 -14.50 36.49 2.89
C THR E 69 -15.07 36.39 4.29
N GLU E 70 -14.85 37.42 5.10
CA GLU E 70 -15.39 37.46 6.46
C GLU E 70 -16.85 37.84 6.37
N PHE E 71 -17.68 37.30 7.26
CA PHE E 71 -19.09 37.67 7.31
C PHE E 71 -19.72 37.30 8.65
N THR E 72 -20.80 37.99 8.98
CA THR E 72 -21.59 37.70 10.16
C THR E 72 -22.98 37.36 9.67
N PRO E 73 -23.33 36.06 9.67
CA PRO E 73 -24.64 35.66 9.14
C PRO E 73 -25.79 36.19 9.98
N THR E 74 -26.94 36.42 9.33
CA THR E 74 -28.20 36.77 10.00
C THR E 74 -29.30 35.86 9.46
N GLU E 75 -30.49 35.98 10.02
CA GLU E 75 -31.59 35.13 9.56
C GLU E 75 -31.93 35.36 8.09
N THR E 76 -31.84 36.61 7.62
CA THR E 76 -32.41 36.96 6.32
C THR E 76 -31.41 37.36 5.22
N ASP E 77 -30.12 37.49 5.55
CA ASP E 77 -29.17 37.89 4.52
C ASP E 77 -28.91 36.72 3.58
N THR E 78 -29.02 36.98 2.28
CA THR E 78 -28.67 36.01 1.27
C THR E 78 -27.22 36.24 0.79
N TYR E 79 -26.46 35.15 0.70
CA TYR E 79 -25.11 35.17 0.13
C TYR E 79 -25.03 34.23 -1.06
N ALA E 80 -24.11 34.52 -1.96
CA ALA E 80 -23.90 33.70 -3.13
C ALA E 80 -22.47 33.85 -3.66
N CYS E 81 -22.11 32.95 -4.56
CA CYS E 81 -20.83 33.02 -5.24
C CYS E 81 -21.11 32.97 -6.73
N ARG E 82 -20.48 33.87 -7.49
CA ARG E 82 -20.67 33.94 -8.92
C ARG E 82 -19.36 33.74 -9.63
N VAL E 83 -19.38 32.89 -10.64
CA VAL E 83 -18.18 32.45 -11.31
C VAL E 83 -18.36 32.63 -12.79
N LYS E 84 -17.38 33.28 -13.42
CA LYS E 84 -17.39 33.44 -14.86
C LYS E 84 -16.18 32.70 -15.40
N HIS E 85 -16.40 31.91 -16.46
CA HIS E 85 -15.35 31.07 -17.01
C HIS E 85 -15.71 30.65 -18.44
N ASP E 86 -14.70 30.54 -19.31
CA ASP E 86 -14.92 30.36 -20.75
C ASP E 86 -15.70 29.08 -21.10
N SER E 87 -15.73 28.13 -20.20
CA SER E 87 -16.47 26.90 -20.40
C SER E 87 -17.98 27.10 -20.36
N MET E 88 -18.45 28.25 -19.88
CA MET E 88 -19.88 28.51 -19.73
C MET E 88 -20.30 29.74 -20.53
N ALA E 89 -21.49 29.68 -21.13
CA ALA E 89 -22.06 30.82 -21.84
C ALA E 89 -22.28 32.00 -20.88
N GLU E 90 -23.02 31.74 -19.82
CA GLU E 90 -23.33 32.76 -18.82
C GLU E 90 -22.53 32.51 -17.52
N PRO E 91 -22.44 33.54 -16.66
CA PRO E 91 -21.91 33.33 -15.31
C PRO E 91 -22.76 32.36 -14.51
N LYS E 92 -22.13 31.56 -13.66
CA LYS E 92 -22.81 30.60 -12.81
C LYS E 92 -22.87 31.15 -11.38
N THR E 93 -24.08 31.11 -10.79
CA THR E 93 -24.30 31.64 -9.45
C THR E 93 -24.81 30.54 -8.51
N VAL E 94 -24.14 30.37 -7.38
CA VAL E 94 -24.50 29.35 -6.42
C VAL E 94 -24.77 30.04 -5.10
N TYR E 95 -25.94 29.78 -4.54
CA TYR E 95 -26.37 30.44 -3.33
C TYR E 95 -25.95 29.65 -2.11
N TRP E 96 -25.59 30.37 -1.05
CA TRP E 96 -25.28 29.76 0.21
C TRP E 96 -26.54 29.16 0.85
N ASP E 97 -26.44 27.90 1.26
CA ASP E 97 -27.46 27.24 2.04
C ASP E 97 -26.83 26.89 3.37
N ARG E 98 -27.37 27.46 4.45
CA ARG E 98 -26.74 27.29 5.75
C ARG E 98 -26.84 25.85 6.30
N ASP E 99 -27.61 24.99 5.64
CA ASP E 99 -27.69 23.58 6.00
C ASP E 99 -26.75 22.70 5.14
N MET E 100 -25.91 23.32 4.31
CA MET E 100 -25.04 22.58 3.39
C MET E 100 -23.60 23.08 3.41
N PHE F 1 13.89 19.21 -4.56
CA PHE F 1 14.65 19.48 -5.82
C PHE F 1 13.70 19.50 -7.04
N ALA F 2 13.53 20.69 -7.63
CA ALA F 2 12.50 20.94 -8.67
C ALA F 2 12.38 19.92 -9.82
N PRO F 3 13.44 19.69 -10.63
CA PRO F 3 14.72 20.32 -10.82
C PRO F 3 14.71 21.07 -12.17
N GLY F 4 15.90 21.45 -12.67
CA GLY F 4 15.98 22.24 -13.87
C GLY F 4 16.24 21.42 -15.12
N ASN F 5 16.56 22.14 -16.20
CA ASN F 5 17.14 21.59 -17.41
C ASN F 5 16.43 20.38 -18.03
N PRO F 7 14.52 18.69 -21.25
CA PRO F 7 14.70 18.86 -22.69
C PRO F 7 13.49 19.52 -23.34
N ALA F 8 13.71 20.16 -24.48
CA ALA F 8 12.66 20.88 -25.19
C ALA F 8 11.65 19.93 -25.81
N LEU F 9 10.39 20.35 -25.83
CA LEU F 9 9.34 19.65 -26.57
C LEU F 9 9.53 19.81 -28.07
N UNK G 1 30.73 -20.81 28.59
CA UNK G 1 29.89 -21.78 29.37
C UNK G 1 28.86 -22.34 28.42
N LYS G 2 29.06 -23.59 28.01
CA LYS G 2 28.26 -24.19 26.94
C LYS G 2 26.80 -24.45 27.31
N UNK G 3 26.56 -24.80 28.57
CA UNK G 3 25.20 -25.03 29.06
C UNK G 3 24.31 -23.83 28.79
N UNK G 4 24.77 -22.65 29.21
CA UNK G 4 24.02 -21.40 29.03
C UNK G 4 23.91 -21.00 27.59
N SER G 5 24.98 -21.21 26.81
CA SER G 5 24.98 -20.86 25.38
C SER G 5 23.96 -21.64 24.58
N UNK G 6 23.85 -22.94 24.85
CA UNK G 6 22.83 -23.79 24.22
C UNK G 6 21.44 -23.40 24.68
N UNK G 7 21.32 -22.98 25.94
CA UNK G 7 20.03 -22.57 26.51
C UNK G 7 19.50 -21.28 25.91
N UNK G 8 20.39 -20.31 25.68
CA UNK G 8 19.99 -19.02 25.09
C UNK G 8 19.50 -19.21 23.67
N LEU G 9 20.17 -20.08 22.92
CA LEU G 9 19.75 -20.41 21.55
C LEU G 9 18.37 -21.06 21.48
N UNK G 10 18.08 -21.93 22.46
CA UNK G 10 16.78 -22.63 22.53
C UNK G 10 15.65 -21.69 22.85
N UNK G 11 15.87 -20.77 23.79
CA UNK G 11 14.85 -19.81 24.20
C UNK G 11 14.51 -18.83 23.09
N UNK G 12 15.52 -18.44 22.31
CA UNK G 12 15.34 -17.54 21.16
C UNK G 12 14.50 -18.18 20.07
N THR G 13 14.52 -19.51 19.99
CA THR G 13 13.71 -20.26 19.02
C THR G 13 12.20 -20.08 19.26
#